data_7RRB
#
_entry.id   7RRB
#
_cell.length_a   86.099
_cell.length_b   94.724
_cell.length_c   129.154
_cell.angle_alpha   90.000
_cell.angle_beta   90.000
_cell.angle_gamma   90.000
#
_symmetry.space_group_name_H-M   'P 21 21 21'
#
loop_
_entity.id
_entity.type
_entity.pdbx_description
1 polymer 'Indoleamine 2,3-dioxygenase 1'
2 non-polymer 3-[4-(6-cyclopropylpyridin-3-yl)phenyl]-N-(4-fluorophenyl)oxetane-3-carboxamide
3 water water
#
_entity_poly.entity_id   1
_entity_poly.type   'polypeptide(L)'
_entity_poly.pdbx_seq_one_letter_code
;MISKEYHIDEEVGFALPNPQENLPDFYNDWMFIAKHLPDLIESGQLRERVEKLNMLSIDHLTDHKSQRLARLVLGCITMA
YVWGKGHGDVRKVLPRNIAVPYCQLSKKLELPPILVYADCVLANWKKKDPNKPLTYENMDVLFSFRDGDCSKGFFLVSLL
VEIAAASAIKVIPTVFKAMQMQERDTLLKALLEIASCLEKALQVFHQIHDHVNPKAFFSVLRIYLSGWKGNPQLSDGLVY
EGFWEDPKEFAGGSAGQSSVFQCFDVLLGIQQTAGGGHAAQFLQDMRRYMPPAHRNFLCSLESNPSVREFVLSKGDAGLR
EAYDACVKALVSLRSYHLQIVTKYILIPASQQPKENKTSEDPSKLEAKGTGGTDLMNFLKTVRSTTEKSLLKEG
;
_entity_poly.pdbx_strand_id   A,B
#
# COMPACT_ATOMS: atom_id res chain seq x y z
N MET A 1 1.88 4.94 -26.18
CA MET A 1 2.93 5.65 -25.37
C MET A 1 2.67 5.51 -23.86
N ILE A 2 3.66 4.99 -23.14
CA ILE A 2 3.75 5.14 -21.68
C ILE A 2 4.29 6.55 -21.42
N SER A 3 3.62 7.29 -20.54
CA SER A 3 4.09 8.62 -20.12
C SER A 3 5.55 8.62 -19.59
N LYS A 4 6.30 9.65 -19.99
CA LYS A 4 7.67 9.86 -19.51
C LYS A 4 7.76 10.16 -18.00
N GLU A 5 6.66 10.67 -17.42
CA GLU A 5 6.55 10.87 -15.95
C GLU A 5 6.70 9.59 -15.12
N TYR A 6 6.48 8.42 -15.73
CA TYR A 6 6.70 7.12 -15.08
C TYR A 6 8.14 6.56 -15.17
N HIS A 7 9.05 7.26 -15.85
CA HIS A 7 10.47 6.87 -15.96
C HIS A 7 10.67 5.43 -16.46
N ILE A 8 10.08 5.11 -17.61
CA ILE A 8 10.21 3.78 -18.21
C ILE A 8 10.89 3.96 -19.57
N ASP A 9 11.97 3.23 -19.78
CA ASP A 9 12.75 3.28 -21.01
C ASP A 9 12.25 2.26 -22.02
N GLU A 10 12.31 2.61 -23.31
CA GLU A 10 11.93 1.69 -24.39
C GLU A 10 12.78 0.42 -24.40
N GLU A 11 14.07 0.58 -24.12
CA GLU A 11 15.06 -0.49 -24.23
C GLU A 11 15.20 -1.27 -22.93
N VAL A 12 15.34 -0.54 -21.82
CA VAL A 12 15.68 -1.12 -20.52
C VAL A 12 14.57 -1.00 -19.45
N GLY A 13 13.40 -0.50 -19.83
CA GLY A 13 12.24 -0.43 -18.95
C GLY A 13 12.41 0.35 -17.67
N PHE A 14 12.22 -0.33 -16.53
CA PHE A 14 12.41 0.27 -15.19
C PHE A 14 13.87 0.54 -14.83
N ALA A 15 14.83 -0.09 -15.52
CA ALA A 15 16.23 0.18 -15.28
C ALA A 15 16.53 1.63 -15.63
N LEU A 16 17.54 2.17 -14.95
CA LEU A 16 18.02 3.49 -15.25
C LEU A 16 18.89 3.38 -16.51
N PRO A 17 18.52 4.12 -17.58
CA PRO A 17 19.33 4.03 -18.82
C PRO A 17 20.67 4.72 -18.62
N ASN A 18 21.74 4.12 -19.15
CA ASN A 18 23.10 4.67 -19.07
C ASN A 18 23.40 5.36 -17.73
N PRO A 19 23.46 4.58 -16.64
CA PRO A 19 23.74 5.18 -15.33
C PRO A 19 25.09 5.88 -15.32
N GLN A 20 25.17 7.01 -14.62
CA GLN A 20 26.45 7.70 -14.39
C GLN A 20 27.41 6.77 -13.67
N GLU A 21 28.70 6.86 -14.03
CA GLU A 21 29.77 6.11 -13.36
C GLU A 21 30.51 6.94 -12.32
N ASN A 22 30.65 8.23 -12.60
CA ASN A 22 31.44 9.14 -11.78
C ASN A 22 30.63 10.29 -11.23
N LEU A 23 31.05 10.80 -10.08
CA LEU A 23 30.43 11.97 -9.46
C LEU A 23 31.27 13.21 -9.75
N PRO A 24 30.72 14.40 -9.47
CA PRO A 24 31.56 15.59 -9.41
C PRO A 24 32.72 15.47 -8.42
N ASP A 25 33.73 16.32 -8.63
CA ASP A 25 34.95 16.34 -7.81
C ASP A 25 34.65 16.56 -6.33
N PHE A 26 33.65 17.39 -6.03
CA PHE A 26 33.23 17.67 -4.65
C PHE A 26 33.01 16.42 -3.79
N TYR A 27 32.63 15.30 -4.42
CA TYR A 27 32.38 14.03 -3.72
C TYR A 27 33.44 12.95 -3.98
N ASN A 28 34.70 13.36 -4.15
CA ASN A 28 35.79 12.39 -4.38
C ASN A 28 36.05 11.44 -3.19
N ASP A 29 35.81 11.91 -1.98
CA ASP A 29 36.02 11.09 -0.79
C ASP A 29 34.99 9.95 -0.67
N TRP A 30 33.78 10.16 -1.19
CA TRP A 30 32.77 9.08 -1.29
C TRP A 30 33.18 8.03 -2.31
N MET A 31 33.61 8.48 -3.49
CA MET A 31 33.99 7.56 -4.58
C MET A 31 35.26 6.75 -4.26
N PHE A 32 36.23 7.35 -3.56
CA PHE A 32 37.44 6.63 -3.13
C PHE A 32 37.08 5.41 -2.27
N ILE A 33 36.09 5.58 -1.39
CA ILE A 33 35.63 4.51 -0.51
C ILE A 33 34.82 3.46 -1.30
N ALA A 34 33.79 3.92 -2.02
CA ALA A 34 32.86 3.02 -2.72
C ALA A 34 33.54 2.17 -3.77
N LYS A 35 34.46 2.77 -4.52
CA LYS A 35 35.23 2.04 -5.53
C LYS A 35 36.24 1.05 -4.96
N HIS A 36 36.58 1.15 -3.67
CA HIS A 36 37.60 0.25 -3.07
C HIS A 36 37.12 -0.58 -1.87
N LEU A 37 35.83 -0.95 -1.86
CA LEU A 37 35.24 -1.66 -0.73
C LEU A 37 35.85 -3.04 -0.45
N PRO A 38 36.14 -3.83 -1.50
CA PRO A 38 36.83 -5.11 -1.31
C PRO A 38 38.13 -5.04 -0.50
N ASP A 39 38.97 -4.06 -0.81
CA ASP A 39 40.22 -3.85 -0.07
C ASP A 39 39.99 -3.20 1.28
N LEU A 40 39.11 -2.20 1.32
CA LEU A 40 38.85 -1.45 2.56
C LEU A 40 38.11 -2.25 3.63
N ILE A 41 37.29 -3.21 3.21
CA ILE A 41 36.63 -4.13 4.12
C ILE A 41 37.60 -5.24 4.56
N GLU A 42 38.25 -5.88 3.58
CA GLU A 42 39.16 -7.02 3.88
C GLU A 42 40.38 -6.63 4.74
N SER A 43 40.69 -5.34 4.80
CA SER A 43 41.78 -4.80 5.65
C SER A 43 41.27 -3.99 6.86
N GLY A 44 39.96 -3.86 7.02
CA GLY A 44 39.39 -3.12 8.16
C GLY A 44 39.60 -1.61 8.16
N GLN A 45 39.92 -1.05 6.99
CA GLN A 45 40.08 0.40 6.85
C GLN A 45 38.76 1.10 6.56
N LEU A 46 37.72 0.35 6.19
CA LEU A 46 36.43 0.93 5.74
C LEU A 46 35.79 1.76 6.84
N ARG A 47 35.58 1.14 7.99
CA ARG A 47 34.88 1.81 9.09
C ARG A 47 35.58 3.09 9.56
N GLU A 48 36.89 2.98 9.80
CA GLU A 48 37.74 4.13 10.15
C GLU A 48 37.69 5.22 9.07
N ARG A 49 37.76 4.81 7.79
CA ARG A 49 37.71 5.77 6.66
C ARG A 49 36.44 6.64 6.71
N VAL A 50 35.28 5.97 6.89
CA VAL A 50 33.97 6.64 6.87
C VAL A 50 33.84 7.65 7.99
N GLU A 51 34.30 7.27 9.18
CA GLU A 51 34.38 8.17 10.35
C GLU A 51 35.20 9.45 10.09
N LYS A 52 36.26 9.35 9.28
CA LYS A 52 37.10 10.52 8.94
C LYS A 52 36.56 11.43 7.79
N LEU A 53 35.44 11.06 7.18
CA LEU A 53 34.79 11.89 6.17
C LEU A 53 34.16 13.14 6.78
N ASN A 54 34.23 14.26 6.06
CA ASN A 54 33.43 15.46 6.37
C ASN A 54 31.97 15.26 5.99
N MET A 55 31.08 16.07 6.57
CA MET A 55 29.67 16.09 6.18
C MET A 55 29.50 16.96 4.93
N LEU A 56 29.22 16.32 3.80
CA LEU A 56 29.08 17.01 2.51
C LEU A 56 27.62 17.32 2.20
N SER A 57 27.41 18.47 1.56
CA SER A 57 26.07 18.89 1.11
C SER A 57 25.62 18.05 -0.09
N ILE A 58 24.30 17.93 -0.30
CA ILE A 58 23.77 17.32 -1.54
C ILE A 58 23.42 18.37 -2.61
N ASP A 59 23.70 19.64 -2.35
CA ASP A 59 23.36 20.72 -3.28
C ASP A 59 24.04 20.60 -4.66
N HIS A 60 25.16 19.89 -4.74
CA HIS A 60 25.94 19.73 -5.99
C HIS A 60 25.64 18.44 -6.77
N LEU A 61 24.59 17.73 -6.37
CA LEU A 61 24.08 16.57 -7.11
C LEU A 61 22.84 17.04 -7.87
N THR A 62 23.07 17.62 -9.04
CA THR A 62 22.04 18.40 -9.75
C THR A 62 20.99 17.55 -10.45
N ASP A 63 21.41 16.74 -11.41
CA ASP A 63 20.47 15.91 -12.21
C ASP A 63 20.08 14.60 -11.49
N HIS A 64 19.10 13.89 -12.06
CA HIS A 64 18.60 12.63 -11.51
C HIS A 64 19.67 11.55 -11.45
N LYS A 65 20.44 11.42 -12.54
CA LYS A 65 21.44 10.36 -12.65
C LYS A 65 22.52 10.48 -11.60
N SER A 66 23.02 11.71 -11.40
CA SER A 66 24.05 11.97 -10.39
C SER A 66 23.51 11.65 -8.99
N GLN A 67 22.28 12.08 -8.71
CA GLN A 67 21.60 11.78 -7.44
C GLN A 67 21.45 10.27 -7.20
N ARG A 68 21.13 9.53 -8.26
CA ARG A 68 21.00 8.08 -8.20
C ARG A 68 22.33 7.35 -8.03
N LEU A 69 23.38 7.85 -8.67
CA LEU A 69 24.72 7.27 -8.50
C LEU A 69 25.21 7.48 -7.07
N ALA A 70 24.84 8.61 -6.47
CA ALA A 70 25.21 8.90 -5.09
C ALA A 70 24.47 7.99 -4.12
N ARG A 71 23.17 7.80 -4.34
CA ARG A 71 22.39 6.81 -3.59
C ARG A 71 23.00 5.41 -3.58
N LEU A 72 23.60 5.02 -4.71
CA LEU A 72 24.27 3.72 -4.82
C LEU A 72 25.55 3.71 -3.98
N VAL A 73 26.38 4.73 -4.20
CA VAL A 73 27.65 4.91 -3.48
C VAL A 73 27.45 4.88 -1.96
N LEU A 74 26.59 5.77 -1.47
CA LEU A 74 26.32 5.88 -0.04
C LEU A 74 25.63 4.62 0.52
N GLY A 75 24.72 4.04 -0.27
CA GLY A 75 24.03 2.82 0.11
C GLY A 75 24.99 1.65 0.31
N CYS A 76 25.91 1.46 -0.62
CA CYS A 76 26.95 0.43 -0.48
C CYS A 76 27.87 0.68 0.70
N ILE A 77 28.26 1.94 0.90
CA ILE A 77 29.10 2.32 2.05
C ILE A 77 28.35 2.06 3.35
N THR A 78 27.06 2.43 3.39
CA THR A 78 26.23 2.18 4.57
C THR A 78 26.21 0.68 4.91
N MET A 79 26.02 -0.16 3.90
CA MET A 79 26.00 -1.60 4.11
C MET A 79 27.34 -2.11 4.57
N ALA A 80 28.40 -1.63 3.95
CA ALA A 80 29.77 -1.99 4.32
C ALA A 80 30.10 -1.58 5.75
N TYR A 81 29.69 -0.37 6.13
CA TYR A 81 29.87 0.12 7.48
C TYR A 81 29.09 -0.73 8.47
N VAL A 82 27.80 -0.91 8.22
CA VAL A 82 26.93 -1.63 9.15
C VAL A 82 27.40 -3.06 9.37
N TRP A 83 27.60 -3.81 8.28
CA TRP A 83 27.96 -5.23 8.36
C TRP A 83 29.46 -5.53 8.48
N GLY A 84 30.32 -4.57 8.13
CA GLY A 84 31.77 -4.77 8.23
C GLY A 84 32.25 -5.90 7.36
N LYS A 85 33.16 -6.73 7.87
CA LYS A 85 33.64 -7.95 7.17
C LYS A 85 32.53 -9.00 6.96
N GLY A 86 31.38 -8.82 7.61
CA GLY A 86 30.22 -9.66 7.42
C GLY A 86 30.28 -10.95 8.20
N HIS A 87 30.82 -10.88 9.42
CA HIS A 87 30.88 -12.01 10.34
C HIS A 87 30.14 -11.69 11.65
N GLY A 88 29.04 -10.94 11.53
CA GLY A 88 28.19 -10.61 12.68
C GLY A 88 28.69 -9.54 13.65
N ASP A 89 29.72 -8.80 13.27
CA ASP A 89 30.21 -7.69 14.07
C ASP A 89 29.60 -6.41 13.51
N VAL A 90 28.58 -5.89 14.17
CA VAL A 90 27.63 -4.93 13.58
C VAL A 90 27.74 -3.50 14.18
N ARG A 91 27.44 -2.48 13.37
CA ARG A 91 27.32 -1.08 13.84
C ARG A 91 25.85 -0.68 13.98
N LYS A 92 25.45 -0.28 15.18
CA LYS A 92 24.06 0.12 15.46
C LYS A 92 23.78 1.60 15.19
N VAL A 93 24.84 2.35 14.84
CA VAL A 93 24.80 3.80 14.65
C VAL A 93 25.59 4.13 13.38
N LEU A 94 24.96 4.85 12.45
CA LEU A 94 25.62 5.33 11.23
C LEU A 94 26.07 6.76 11.50
N PRO A 95 27.35 7.09 11.24
CA PRO A 95 27.88 8.42 11.61
C PRO A 95 27.25 9.58 10.86
N ARG A 96 26.95 10.66 11.60
CA ARG A 96 26.28 11.85 11.05
C ARG A 96 26.85 12.38 9.73
N ASN A 97 28.17 12.32 9.56
CA ASN A 97 28.82 12.85 8.35
C ASN A 97 28.40 12.16 7.06
N ILE A 98 28.04 10.88 7.15
CA ILE A 98 27.44 10.12 6.03
C ILE A 98 25.91 9.96 6.17
N ALA A 99 25.40 9.94 7.41
CA ALA A 99 23.95 9.74 7.65
C ALA A 99 23.09 10.91 7.16
N VAL A 100 23.52 12.12 7.46
CA VAL A 100 22.77 13.33 7.11
C VAL A 100 22.61 13.51 5.59
N PRO A 101 23.72 13.49 4.82
CA PRO A 101 23.56 13.55 3.35
C PRO A 101 22.76 12.38 2.75
N TYR A 102 23.01 11.16 3.22
CA TYR A 102 22.29 9.99 2.71
C TYR A 102 20.78 10.08 2.98
N CYS A 103 20.41 10.54 4.18
CA CYS A 103 19.00 10.69 4.55
C CYS A 103 18.32 11.83 3.79
N GLN A 104 19.03 12.95 3.65
CA GLN A 104 18.56 14.10 2.85
C GLN A 104 18.38 13.78 1.37
N LEU A 105 19.38 13.13 0.77
CA LEU A 105 19.31 12.64 -0.61
C LEU A 105 18.15 11.64 -0.79
N SER A 106 18.04 10.71 0.16
CA SER A 106 16.97 9.73 0.17
C SER A 106 15.58 10.39 0.20
N LYS A 107 15.37 11.35 1.11
CA LYS A 107 14.11 12.10 1.16
C LYS A 107 13.82 12.83 -0.15
N LYS A 108 14.87 13.39 -0.76
CA LYS A 108 14.75 14.11 -2.05
C LYS A 108 14.29 13.16 -3.17
N LEU A 109 14.89 11.98 -3.26
CA LEU A 109 14.45 10.96 -4.26
C LEU A 109 13.24 10.11 -3.84
N GLU A 110 12.67 10.38 -2.65
CA GLU A 110 11.52 9.65 -2.09
C GLU A 110 11.79 8.15 -1.97
N LEU A 111 12.96 7.80 -1.43
CA LEU A 111 13.34 6.40 -1.20
C LEU A 111 13.89 6.30 0.21
N PRO A 112 13.85 5.11 0.80
CA PRO A 112 14.31 4.99 2.18
C PRO A 112 15.83 4.93 2.23
N PRO A 113 16.46 5.45 3.30
CA PRO A 113 17.92 5.47 3.43
C PRO A 113 18.53 4.08 3.67
N ILE A 114 18.44 3.23 2.66
CA ILE A 114 19.06 1.91 2.65
C ILE A 114 19.19 1.45 1.20
N LEU A 115 20.19 0.62 0.93
CA LEU A 115 20.42 0.12 -0.42
C LEU A 115 19.23 -0.71 -0.84
N VAL A 116 18.63 -0.34 -1.97
CA VAL A 116 17.48 -1.06 -2.54
C VAL A 116 17.82 -1.59 -3.92
N TYR A 117 16.95 -2.46 -4.42
CA TYR A 117 17.02 -3.00 -5.78
C TYR A 117 17.33 -1.93 -6.82
N ALA A 118 16.59 -0.82 -6.78
CA ALA A 118 16.80 0.28 -7.72
C ALA A 118 18.21 0.84 -7.70
N ASP A 119 18.87 0.80 -6.54
CA ASP A 119 20.27 1.23 -6.45
C ASP A 119 21.17 0.17 -7.08
N CYS A 120 21.22 -1.01 -6.46
CA CYS A 120 22.28 -1.98 -6.73
C CYS A 120 22.08 -2.89 -7.93
N VAL A 121 20.90 -2.83 -8.55
CA VAL A 121 20.62 -3.51 -9.83
C VAL A 121 20.38 -2.49 -10.91
N LEU A 122 19.34 -1.67 -10.73
CA LEU A 122 18.85 -0.79 -11.79
C LEU A 122 19.80 0.35 -12.16
N ALA A 123 20.64 0.78 -11.21
CA ALA A 123 21.61 1.85 -11.43
C ALA A 123 23.09 1.40 -11.35
N ASN A 124 23.35 0.12 -11.09
CA ASN A 124 24.69 -0.37 -10.79
C ASN A 124 25.22 -1.16 -11.96
N TRP A 125 25.16 -0.57 -13.15
CA TRP A 125 25.66 -1.22 -14.35
C TRP A 125 26.23 -0.23 -15.38
N LYS A 126 27.18 -0.71 -16.16
CA LYS A 126 27.65 -0.02 -17.38
C LYS A 126 27.85 -1.02 -18.51
N LYS A 127 27.84 -0.51 -19.75
CA LYS A 127 28.30 -1.27 -20.92
C LYS A 127 29.80 -1.13 -20.99
N LYS A 128 30.49 -2.21 -21.37
CA LYS A 128 31.92 -2.13 -21.70
C LYS A 128 32.07 -1.40 -23.05
N ASP A 129 31.44 -1.97 -24.07
CA ASP A 129 31.44 -1.41 -25.42
C ASP A 129 30.04 -0.87 -25.71
N PRO A 130 29.88 0.49 -25.83
CA PRO A 130 28.58 1.10 -26.16
C PRO A 130 27.95 0.67 -27.48
N ASN A 131 28.79 0.28 -28.45
CA ASN A 131 28.31 -0.24 -29.73
C ASN A 131 27.72 -1.65 -29.64
N LYS A 132 28.30 -2.50 -28.80
CA LYS A 132 27.80 -3.86 -28.64
C LYS A 132 26.52 -3.88 -27.78
N PRO A 133 25.65 -4.90 -27.99
CA PRO A 133 24.35 -4.94 -27.30
C PRO A 133 24.42 -5.31 -25.81
N LEU A 134 23.25 -5.28 -25.15
CA LEU A 134 23.13 -5.55 -23.71
C LEU A 134 23.14 -7.05 -23.40
N THR A 135 24.32 -7.65 -23.43
CA THR A 135 24.52 -9.04 -23.03
C THR A 135 25.39 -9.02 -21.78
N TYR A 136 25.32 -10.09 -20.99
CA TYR A 136 26.23 -10.25 -19.83
C TYR A 136 27.68 -9.92 -20.19
N GLU A 137 28.12 -10.44 -21.32
CA GLU A 137 29.53 -10.39 -21.74
C GLU A 137 30.02 -8.97 -22.08
N ASN A 138 29.12 -8.11 -22.54
CA ASN A 138 29.39 -6.67 -22.78
C ASN A 138 29.08 -5.77 -21.56
N MET A 139 28.92 -6.35 -20.38
CA MET A 139 28.47 -5.60 -19.19
C MET A 139 29.30 -5.83 -17.91
N ASP A 140 29.25 -4.82 -17.05
CA ASP A 140 29.90 -4.81 -15.74
C ASP A 140 29.02 -4.06 -14.75
N VAL A 141 29.20 -4.36 -13.47
CA VAL A 141 28.58 -3.57 -12.41
C VAL A 141 29.47 -2.40 -12.15
N LEU A 142 28.94 -1.36 -11.51
CA LEU A 142 29.75 -0.23 -11.06
C LEU A 142 30.42 -0.46 -9.72
N PHE A 143 29.73 -1.15 -8.80
CA PHE A 143 30.24 -1.38 -7.45
C PHE A 143 30.01 -2.80 -6.97
N SER A 144 30.93 -3.24 -6.10
CA SER A 144 30.90 -4.52 -5.41
C SER A 144 31.29 -4.35 -3.95
N PHE A 145 31.00 -5.39 -3.16
CA PHE A 145 31.29 -5.40 -1.72
C PHE A 145 32.62 -6.09 -1.42
N ARG A 146 32.75 -7.34 -1.89
CA ARG A 146 33.92 -8.19 -1.65
C ARG A 146 34.33 -8.91 -2.90
N ASP A 147 35.59 -9.35 -2.93
CA ASP A 147 36.12 -10.14 -4.03
C ASP A 147 35.56 -11.55 -3.85
N GLY A 148 35.00 -12.09 -4.93
CA GLY A 148 34.34 -13.39 -4.88
C GLY A 148 32.89 -13.37 -4.46
N ASP A 149 32.31 -12.18 -4.28
CA ASP A 149 30.90 -12.04 -3.82
C ASP A 149 29.82 -12.31 -4.88
N CYS A 150 30.21 -12.50 -6.14
CA CYS A 150 29.28 -12.70 -7.26
C CYS A 150 28.22 -11.62 -7.42
N SER A 151 28.58 -10.38 -7.09
CA SER A 151 27.68 -9.24 -7.29
C SER A 151 27.44 -8.96 -8.77
N LYS A 152 28.46 -9.17 -9.60
CA LYS A 152 28.32 -9.03 -11.04
C LYS A 152 27.23 -9.96 -11.55
N GLY A 153 27.40 -11.26 -11.30
CA GLY A 153 26.41 -12.25 -11.69
C GLY A 153 25.04 -11.96 -11.13
N PHE A 154 24.96 -11.76 -9.81
CA PHE A 154 23.68 -11.58 -9.13
C PHE A 154 22.96 -10.35 -9.66
N PHE A 155 23.63 -9.20 -9.67
CA PHE A 155 22.97 -7.98 -10.11
C PHE A 155 22.67 -7.95 -11.60
N LEU A 156 23.65 -8.33 -12.44
CA LEU A 156 23.48 -8.24 -13.90
C LEU A 156 22.47 -9.24 -14.47
N VAL A 157 22.43 -10.46 -13.93
CA VAL A 157 21.42 -11.42 -14.40
C VAL A 157 20.06 -10.91 -13.95
N SER A 158 19.96 -10.41 -12.72
CA SER A 158 18.76 -9.73 -12.24
C SER A 158 18.33 -8.61 -13.17
N LEU A 159 19.31 -7.77 -13.55
CA LEU A 159 19.09 -6.65 -14.46
C LEU A 159 18.66 -7.11 -15.85
N LEU A 160 19.28 -8.19 -16.34
CA LEU A 160 18.98 -8.70 -17.68
C LEU A 160 17.55 -9.21 -17.73
N VAL A 161 17.12 -9.90 -16.67
CA VAL A 161 15.71 -10.33 -16.54
C VAL A 161 14.76 -9.11 -16.50
N GLU A 162 15.11 -8.08 -15.74
CA GLU A 162 14.33 -6.84 -15.72
C GLU A 162 14.16 -6.25 -17.13
N ILE A 163 15.28 -6.17 -17.86
CA ILE A 163 15.31 -5.67 -19.23
C ILE A 163 14.43 -6.54 -20.14
N ALA A 164 14.54 -7.85 -20.01
CA ALA A 164 13.82 -8.79 -20.88
C ALA A 164 12.32 -8.63 -20.73
N ALA A 165 11.89 -8.49 -19.48
CA ALA A 165 10.48 -8.28 -19.16
C ALA A 165 9.97 -6.90 -19.61
N ALA A 166 10.87 -5.92 -19.68
CA ALA A 166 10.54 -4.58 -20.20
C ALA A 166 10.04 -4.57 -21.64
N SER A 167 10.37 -5.60 -22.43
CA SER A 167 9.79 -5.77 -23.76
C SER A 167 8.26 -5.81 -23.72
N ALA A 168 7.71 -6.49 -22.70
CA ALA A 168 6.26 -6.49 -22.44
C ALA A 168 5.71 -5.14 -21.99
N ILE A 169 6.49 -4.37 -21.23
CA ILE A 169 5.94 -3.15 -20.63
C ILE A 169 5.34 -2.22 -21.68
N LYS A 170 5.99 -2.09 -22.82
CA LYS A 170 5.48 -1.22 -23.92
C LYS A 170 4.19 -1.74 -24.59
N VAL A 171 3.84 -3.01 -24.37
CA VAL A 171 2.56 -3.59 -24.84
C VAL A 171 1.36 -3.15 -23.99
N ILE A 172 1.61 -2.72 -22.75
CA ILE A 172 0.55 -2.43 -21.78
C ILE A 172 -0.47 -1.37 -22.25
N PRO A 173 0.01 -0.27 -22.83
CA PRO A 173 -0.94 0.66 -23.42
C PRO A 173 -1.81 0.02 -24.50
N THR A 174 -1.22 -0.83 -25.34
CA THR A 174 -1.98 -1.56 -26.36
C THR A 174 -3.10 -2.38 -25.72
N VAL A 175 -2.78 -3.06 -24.62
CA VAL A 175 -3.76 -3.83 -23.85
C VAL A 175 -4.95 -2.96 -23.38
N PHE A 176 -4.66 -1.81 -22.77
CA PHE A 176 -5.75 -0.96 -22.25
C PHE A 176 -6.54 -0.26 -23.35
N LYS A 177 -5.87 0.08 -24.45
CA LYS A 177 -6.54 0.71 -25.59
C LYS A 177 -7.49 -0.25 -26.30
N ALA A 178 -7.05 -1.50 -26.48
CA ALA A 178 -7.84 -2.54 -27.13
C ALA A 178 -9.14 -2.83 -26.38
N MET A 179 -9.08 -2.82 -25.04
CA MET A 179 -10.29 -3.03 -24.22
C MET A 179 -11.33 -1.94 -24.41
N GLN A 180 -10.95 -0.67 -24.23
CA GLN A 180 -11.91 0.43 -24.41
C GLN A 180 -12.41 0.60 -25.86
N MET A 181 -11.55 0.31 -26.84
N MET A 181 -11.54 0.33 -26.84
CA MET A 181 -11.96 0.31 -28.25
CA MET A 181 -11.92 0.30 -28.26
C MET A 181 -12.52 -1.04 -28.71
C MET A 181 -12.60 -1.02 -28.69
N GLN A 182 -12.59 -2.02 -27.81
CA GLN A 182 -13.19 -3.34 -28.07
C GLN A 182 -12.55 -4.01 -29.30
N GLU A 183 -11.23 -4.12 -29.27
CA GLU A 183 -10.45 -4.66 -30.38
C GLU A 183 -9.92 -6.04 -29.98
N ARG A 184 -10.76 -7.06 -30.16
CA ARG A 184 -10.45 -8.42 -29.71
C ARG A 184 -9.12 -8.92 -30.22
N ASP A 185 -8.90 -8.76 -31.52
CA ASP A 185 -7.72 -9.30 -32.17
C ASP A 185 -6.45 -8.63 -31.66
N THR A 186 -6.53 -7.32 -31.41
CA THR A 186 -5.42 -6.53 -30.88
C THR A 186 -5.09 -6.98 -29.47
N LEU A 187 -6.12 -7.13 -28.64
CA LEU A 187 -5.95 -7.58 -27.25
C LEU A 187 -5.27 -8.96 -27.21
N LEU A 188 -5.76 -9.88 -28.04
CA LEU A 188 -5.17 -11.21 -28.15
C LEU A 188 -3.67 -11.18 -28.48
N LYS A 189 -3.33 -10.41 -29.50
CA LYS A 189 -1.95 -10.21 -29.96
C LYS A 189 -1.09 -9.61 -28.84
N ALA A 190 -1.63 -8.62 -28.14
CA ALA A 190 -0.93 -8.01 -27.01
C ALA A 190 -0.63 -9.04 -25.91
N LEU A 191 -1.64 -9.79 -25.49
CA LEU A 191 -1.45 -10.78 -24.44
C LEU A 191 -0.47 -11.90 -24.85
N LEU A 192 -0.49 -12.33 -26.12
CA LEU A 192 0.49 -13.33 -26.59
C LEU A 192 1.91 -12.76 -26.65
N GLU A 193 2.04 -11.46 -26.94
CA GLU A 193 3.36 -10.80 -26.92
C GLU A 193 3.89 -10.68 -25.50
N ILE A 194 3.01 -10.33 -24.56
CA ILE A 194 3.37 -10.26 -23.16
C ILE A 194 3.84 -11.62 -22.69
N ALA A 195 3.09 -12.67 -23.01
CA ALA A 195 3.47 -14.04 -22.64
C ALA A 195 4.85 -14.40 -23.21
N SER A 196 5.09 -13.96 -24.44
CA SER A 196 6.36 -14.24 -25.11
C SER A 196 7.56 -13.59 -24.41
N CYS A 197 7.41 -12.36 -23.94
CA CYS A 197 8.52 -11.66 -23.24
C CYS A 197 8.87 -12.27 -21.90
N LEU A 198 7.86 -12.69 -21.15
CA LEU A 198 8.05 -13.37 -19.87
C LEU A 198 8.61 -14.78 -20.03
N GLU A 199 8.30 -15.43 -21.15
CA GLU A 199 8.97 -16.68 -21.52
C GLU A 199 10.44 -16.44 -21.80
N LYS A 200 10.77 -15.35 -22.51
CA LYS A 200 12.17 -14.96 -22.76
C LYS A 200 12.89 -14.60 -21.46
N ALA A 201 12.20 -13.83 -20.61
CA ALA A 201 12.76 -13.40 -19.33
C ALA A 201 13.25 -14.57 -18.48
N LEU A 202 12.51 -15.68 -18.51
CA LEU A 202 12.85 -16.91 -17.77
C LEU A 202 14.11 -17.55 -18.33
N GLN A 203 14.18 -17.67 -19.66
CA GLN A 203 15.39 -18.20 -20.31
C GLN A 203 16.61 -17.37 -19.87
N VAL A 204 16.46 -16.06 -19.86
CA VAL A 204 17.53 -15.15 -19.39
C VAL A 204 17.97 -15.48 -17.95
N PHE A 205 16.98 -15.72 -17.09
CA PHE A 205 17.16 -16.06 -15.66
C PHE A 205 18.12 -17.24 -15.46
N HIS A 206 18.14 -18.17 -16.43
CA HIS A 206 19.00 -19.37 -16.36
C HIS A 206 20.51 -19.05 -16.20
N GLN A 207 20.94 -17.90 -16.72
CA GLN A 207 22.34 -17.45 -16.60
C GLN A 207 22.85 -17.30 -15.16
N ILE A 208 21.94 -17.13 -14.21
CA ILE A 208 22.28 -17.01 -12.79
C ILE A 208 23.27 -18.11 -12.38
N HIS A 209 23.01 -19.33 -12.85
CA HIS A 209 23.82 -20.49 -12.53
C HIS A 209 25.24 -20.39 -13.05
N ASP A 210 25.39 -19.77 -14.22
CA ASP A 210 26.68 -19.64 -14.88
C ASP A 210 27.63 -18.70 -14.14
N HIS A 211 27.10 -17.74 -13.39
CA HIS A 211 27.88 -16.63 -12.86
C HIS A 211 27.79 -16.40 -11.36
N VAL A 212 27.02 -17.23 -10.65
CA VAL A 212 26.82 -17.09 -9.21
C VAL A 212 26.99 -18.45 -8.56
N ASN A 213 27.61 -18.42 -7.39
CA ASN A 213 28.10 -19.59 -6.66
C ASN A 213 27.25 -19.65 -5.36
N PRO A 214 26.69 -20.83 -5.02
CA PRO A 214 25.87 -20.89 -3.78
C PRO A 214 26.58 -20.48 -2.50
N LYS A 215 27.77 -21.05 -2.26
CA LYS A 215 28.59 -20.72 -1.09
C LYS A 215 28.82 -19.20 -1.00
N ALA A 216 29.36 -18.62 -2.07
CA ALA A 216 29.66 -17.18 -2.10
C ALA A 216 28.43 -16.33 -1.81
N PHE A 217 27.32 -16.64 -2.48
CA PHE A 217 26.09 -15.87 -2.32
C PHE A 217 25.55 -15.88 -0.88
N PHE A 218 25.45 -17.08 -0.31
CA PHE A 218 24.91 -17.23 1.02
C PHE A 218 25.81 -16.61 2.07
N SER A 219 27.10 -16.93 2.02
CA SER A 219 28.03 -16.51 3.09
C SER A 219 28.40 -15.04 3.06
N VAL A 220 28.36 -14.42 1.87
CA VAL A 220 28.97 -13.10 1.64
C VAL A 220 27.93 -12.08 1.17
N LEU A 221 27.36 -12.30 -0.02
CA LEU A 221 26.55 -11.27 -0.68
C LEU A 221 25.20 -11.06 -0.01
N ARG A 222 24.56 -12.16 0.40
CA ARG A 222 23.30 -12.11 1.18
C ARG A 222 23.43 -11.18 2.39
N ILE A 223 24.57 -11.23 3.09
CA ILE A 223 24.82 -10.45 4.30
C ILE A 223 24.81 -8.95 3.97
N TYR A 224 25.48 -8.59 2.88
CA TYR A 224 25.60 -7.19 2.49
C TYR A 224 24.29 -6.60 2.01
N LEU A 225 23.43 -7.42 1.40
CA LEU A 225 22.09 -6.98 1.02
C LEU A 225 21.09 -6.93 2.18
N SER A 226 21.42 -7.52 3.33
CA SER A 226 20.47 -7.59 4.44
C SER A 226 20.22 -6.24 5.05
N GLY A 227 18.98 -6.01 5.46
CA GLY A 227 18.58 -4.74 6.07
C GLY A 227 18.40 -4.91 7.54
N TRP A 228 17.64 -3.99 8.13
CA TRP A 228 17.42 -3.96 9.58
C TRP A 228 15.95 -3.67 9.95
N LYS A 229 15.04 -4.50 9.41
CA LYS A 229 13.64 -4.55 9.85
C LYS A 229 13.33 -5.98 10.28
N GLY A 230 12.99 -6.16 11.56
CA GLY A 230 12.81 -7.50 12.12
C GLY A 230 14.05 -8.37 12.00
N ASN A 231 15.21 -7.76 12.20
CA ASN A 231 16.49 -8.45 12.19
C ASN A 231 17.05 -8.42 13.62
N PRO A 232 17.20 -9.61 14.25
CA PRO A 232 17.79 -9.72 15.60
C PRO A 232 19.12 -8.99 15.80
N GLN A 233 19.95 -8.97 14.75
CA GLN A 233 21.26 -8.29 14.79
C GLN A 233 21.19 -6.79 15.03
N LEU A 234 20.13 -6.14 14.53
CA LEU A 234 19.78 -4.75 14.89
C LEU A 234 18.29 -4.70 15.27
N SER A 235 18.04 -5.05 16.53
CA SER A 235 16.69 -5.23 17.06
C SER A 235 15.80 -4.00 16.86
N ASP A 236 16.26 -2.85 17.34
CA ASP A 236 15.49 -1.59 17.28
C ASP A 236 15.65 -0.84 15.96
N GLY A 237 16.54 -1.32 15.10
CA GLY A 237 16.83 -0.69 13.80
C GLY A 237 18.19 -0.03 13.81
N LEU A 238 18.41 0.86 12.85
CA LEU A 238 19.65 1.61 12.73
C LEU A 238 19.44 3.06 13.14
N VAL A 239 20.44 3.63 13.81
CA VAL A 239 20.43 5.05 14.16
C VAL A 239 21.07 5.85 13.04
N TYR A 240 20.29 6.73 12.43
CA TYR A 240 20.79 7.69 11.45
C TYR A 240 21.20 8.96 12.18
N GLU A 241 22.41 8.91 12.75
CA GLU A 241 22.88 9.94 13.70
C GLU A 241 22.83 11.31 13.04
N GLY A 242 22.35 12.30 13.80
CA GLY A 242 22.16 13.65 13.28
C GLY A 242 20.92 13.87 12.41
N PHE A 243 20.18 12.82 12.09
CA PHE A 243 18.94 12.93 11.31
C PHE A 243 17.69 12.48 12.09
N TRP A 244 17.79 11.32 12.77
CA TRP A 244 16.74 10.85 13.67
C TRP A 244 17.34 10.52 15.03
N GLU A 245 16.76 11.09 16.08
CA GLU A 245 17.13 10.81 17.47
C GLU A 245 16.96 9.32 17.82
N ASP A 246 15.96 8.68 17.22
CA ASP A 246 15.61 7.29 17.52
C ASP A 246 15.90 6.37 16.34
N PRO A 247 16.26 5.09 16.63
CA PRO A 247 16.65 4.18 15.56
C PRO A 247 15.47 3.86 14.66
N LYS A 248 15.75 3.52 13.41
CA LYS A 248 14.73 3.35 12.37
C LYS A 248 14.98 2.09 11.58
N GLU A 249 13.92 1.29 11.42
CA GLU A 249 13.99 0.00 10.72
C GLU A 249 13.66 0.14 9.22
N PHE A 250 14.46 -0.52 8.38
CA PHE A 250 14.27 -0.56 6.93
C PHE A 250 14.64 -1.93 6.38
N ALA A 251 13.88 -2.40 5.39
CA ALA A 251 14.05 -3.74 4.83
C ALA A 251 15.24 -3.78 3.86
N GLY A 252 15.91 -4.94 3.84
CA GLY A 252 17.02 -5.17 2.95
C GLY A 252 16.56 -5.38 1.52
N GLY A 253 17.52 -5.57 0.62
CA GLY A 253 17.25 -5.74 -0.78
C GLY A 253 16.45 -6.99 -1.05
N SER A 254 15.54 -6.91 -2.01
CA SER A 254 14.62 -8.01 -2.31
C SER A 254 14.13 -7.88 -3.74
N ALA A 255 13.91 -9.03 -4.39
CA ALA A 255 13.33 -9.04 -5.74
C ALA A 255 11.91 -8.44 -5.77
N GLY A 256 11.22 -8.46 -4.63
CA GLY A 256 9.94 -7.77 -4.46
C GLY A 256 9.98 -6.26 -4.64
N GLN A 257 11.18 -5.70 -4.58
CA GLN A 257 11.39 -4.30 -4.94
C GLN A 257 11.42 -4.04 -6.45
N SER A 258 11.46 -5.08 -7.27
CA SER A 258 11.39 -4.92 -8.72
C SER A 258 9.97 -4.59 -9.14
N SER A 259 9.80 -3.52 -9.89
CA SER A 259 8.47 -3.14 -10.39
C SER A 259 7.94 -4.14 -11.42
N VAL A 260 8.84 -4.75 -12.19
CA VAL A 260 8.50 -5.89 -13.05
C VAL A 260 7.96 -7.09 -12.25
N PHE A 261 8.55 -7.33 -11.07
CA PHE A 261 8.12 -8.41 -10.14
C PHE A 261 6.63 -8.28 -9.79
N GLN A 262 6.12 -7.05 -9.73
CA GLN A 262 4.74 -6.79 -9.36
C GLN A 262 3.82 -6.48 -10.56
N CYS A 263 4.31 -5.70 -11.53
CA CYS A 263 3.41 -4.99 -12.46
C CYS A 263 2.53 -5.88 -13.35
N PHE A 264 3.02 -7.06 -13.70
CA PHE A 264 2.23 -8.01 -14.49
C PHE A 264 1.16 -8.68 -13.67
N ASP A 265 1.45 -8.98 -12.42
CA ASP A 265 0.44 -9.49 -11.49
C ASP A 265 -0.69 -8.47 -11.37
N VAL A 266 -0.33 -7.19 -11.35
CA VAL A 266 -1.32 -6.12 -11.31
C VAL A 266 -2.10 -6.04 -12.63
N LEU A 267 -1.39 -5.88 -13.73
CA LEU A 267 -1.98 -5.86 -15.08
C LEU A 267 -2.97 -6.99 -15.31
N LEU A 268 -2.61 -8.19 -14.89
CA LEU A 268 -3.46 -9.37 -15.13
C LEU A 268 -4.49 -9.61 -14.04
N GLY A 269 -4.66 -8.67 -13.12
CA GLY A 269 -5.67 -8.79 -12.09
C GLY A 269 -5.43 -9.87 -11.06
N ILE A 270 -4.17 -10.26 -10.87
CA ILE A 270 -3.78 -11.24 -9.87
C ILE A 270 -3.61 -10.47 -8.57
N GLN A 271 -4.63 -10.59 -7.70
CA GLN A 271 -4.71 -9.78 -6.49
C GLN A 271 -3.69 -10.32 -5.47
N GLN A 272 -2.41 -10.01 -5.69
CA GLN A 272 -1.32 -10.42 -4.80
C GLN A 272 -1.35 -9.59 -3.53
N THR A 273 -1.47 -8.26 -3.70
CA THR A 273 -1.53 -7.32 -2.59
C THR A 273 -2.90 -7.26 -1.88
N ALA A 274 -3.90 -8.00 -2.39
CA ALA A 274 -5.12 -8.31 -1.62
C ALA A 274 -4.95 -9.64 -0.88
N GLY A 275 -5.54 -9.73 0.32
CA GLY A 275 -5.44 -10.92 1.16
C GLY A 275 -5.51 -10.59 2.64
N GLY A 276 -4.73 -9.58 3.04
CA GLY A 276 -4.44 -9.30 4.44
C GLY A 276 -3.39 -10.24 5.01
N GLY A 277 -2.67 -10.96 4.13
CA GLY A 277 -1.61 -11.89 4.53
C GLY A 277 -0.25 -11.21 4.47
N HIS A 278 0.75 -11.89 5.03
CA HIS A 278 2.11 -11.35 5.11
C HIS A 278 2.71 -11.03 3.72
N ALA A 279 2.43 -11.90 2.76
CA ALA A 279 2.88 -11.71 1.37
C ALA A 279 2.30 -10.45 0.73
N ALA A 280 1.00 -10.25 0.91
CA ALA A 280 0.31 -9.08 0.39
C ALA A 280 0.83 -7.79 1.06
N GLN A 281 1.10 -7.88 2.37
CA GLN A 281 1.66 -6.75 3.13
C GLN A 281 3.07 -6.40 2.63
N PHE A 282 3.90 -7.43 2.44
CA PHE A 282 5.27 -7.24 2.00
C PHE A 282 5.35 -6.57 0.64
N LEU A 283 4.57 -7.08 -0.33
CA LEU A 283 4.56 -6.52 -1.68
C LEU A 283 4.16 -5.06 -1.67
N GLN A 284 3.08 -4.72 -0.98
CA GLN A 284 2.64 -3.34 -0.87
C GLN A 284 3.73 -2.45 -0.22
N ASP A 285 4.31 -2.92 0.87
CA ASP A 285 5.34 -2.15 1.57
C ASP A 285 6.58 -1.89 0.70
N MET A 286 6.95 -2.87 -0.13
CA MET A 286 8.06 -2.71 -1.06
C MET A 286 7.81 -1.68 -2.17
N ARG A 287 6.57 -1.27 -2.39
CA ARG A 287 6.33 -0.19 -3.34
C ARG A 287 6.97 1.11 -2.87
N ARG A 288 7.07 1.30 -1.56
CA ARG A 288 7.80 2.45 -0.99
C ARG A 288 9.32 2.39 -1.18
N TYR A 289 9.85 1.22 -1.53
CA TYR A 289 11.29 0.99 -1.79
C TYR A 289 11.63 1.08 -3.28
N MET A 290 10.60 1.31 -4.10
CA MET A 290 10.74 1.56 -5.54
C MET A 290 10.78 3.06 -5.76
N PRO A 291 11.46 3.52 -6.84
CA PRO A 291 11.42 4.98 -7.13
C PRO A 291 9.98 5.47 -7.29
N PRO A 292 9.73 6.75 -6.96
CA PRO A 292 8.35 7.24 -6.91
C PRO A 292 7.59 7.12 -8.24
N ALA A 293 8.27 7.36 -9.36
CA ALA A 293 7.63 7.26 -10.68
C ALA A 293 7.16 5.85 -10.98
N HIS A 294 7.94 4.89 -10.52
CA HIS A 294 7.62 3.48 -10.74
C HIS A 294 6.46 3.04 -9.89
N ARG A 295 6.48 3.43 -8.61
CA ARG A 295 5.36 3.11 -7.73
C ARG A 295 4.08 3.80 -8.19
N ASN A 296 4.22 5.01 -8.76
CA ASN A 296 3.11 5.65 -9.44
C ASN A 296 2.57 4.87 -10.64
N PHE A 297 3.47 4.23 -11.37
CA PHE A 297 3.08 3.41 -12.52
C PHE A 297 2.22 2.23 -12.08
N LEU A 298 2.68 1.51 -11.06
CA LEU A 298 1.89 0.41 -10.46
C LEU A 298 0.52 0.87 -10.02
N CYS A 299 0.48 2.05 -9.44
CA CYS A 299 -0.76 2.63 -8.96
C CYS A 299 -1.70 2.92 -10.13
N SER A 300 -1.18 3.38 -11.26
CA SER A 300 -2.05 3.71 -12.40
C SER A 300 -2.54 2.46 -13.11
N LEU A 301 -1.73 1.42 -13.14
CA LEU A 301 -2.21 0.10 -13.59
C LEU A 301 -3.43 -0.35 -12.80
N GLU A 302 -3.34 -0.25 -11.48
CA GLU A 302 -4.45 -0.63 -10.60
C GLU A 302 -5.71 0.18 -10.86
N SER A 303 -5.55 1.43 -11.23
CA SER A 303 -6.66 2.34 -11.48
C SER A 303 -7.32 2.09 -12.81
N ASN A 304 -6.59 1.55 -13.77
CA ASN A 304 -7.17 1.14 -15.06
C ASN A 304 -8.12 -0.05 -14.88
N PRO A 305 -9.01 -0.28 -15.85
CA PRO A 305 -9.93 -1.39 -15.68
C PRO A 305 -9.25 -2.76 -15.69
N SER A 306 -9.94 -3.77 -15.20
CA SER A 306 -9.44 -5.13 -15.09
C SER A 306 -9.41 -5.90 -16.44
N VAL A 307 -8.21 -6.27 -16.86
CA VAL A 307 -8.02 -7.21 -17.97
C VAL A 307 -8.72 -8.56 -17.70
N ARG A 308 -8.69 -9.02 -16.46
CA ARG A 308 -9.18 -10.37 -16.12
C ARG A 308 -10.69 -10.41 -16.27
N GLU A 309 -11.37 -9.43 -15.69
CA GLU A 309 -12.81 -9.26 -15.90
C GLU A 309 -13.17 -9.15 -17.37
N PHE A 310 -12.40 -8.40 -18.12
CA PHE A 310 -12.65 -8.24 -19.54
C PHE A 310 -12.62 -9.57 -20.29
N VAL A 311 -11.54 -10.33 -20.11
CA VAL A 311 -11.42 -11.63 -20.76
C VAL A 311 -12.55 -12.58 -20.32
N LEU A 312 -12.74 -12.71 -19.02
CA LEU A 312 -13.83 -13.53 -18.46
C LEU A 312 -15.20 -13.22 -19.04
N SER A 313 -15.47 -11.94 -19.25
CA SER A 313 -16.80 -11.51 -19.71
C SER A 313 -17.17 -11.99 -21.13
N LYS A 314 -16.14 -12.17 -21.97
CA LYS A 314 -16.33 -12.28 -23.41
C LYS A 314 -16.68 -13.66 -23.97
N GLY A 315 -16.49 -14.73 -23.20
CA GLY A 315 -16.84 -16.09 -23.65
C GLY A 315 -16.03 -16.52 -24.86
N ASP A 316 -14.71 -16.32 -24.74
CA ASP A 316 -13.77 -16.30 -25.86
C ASP A 316 -12.54 -17.15 -25.50
N ALA A 317 -12.51 -18.38 -26.01
CA ALA A 317 -11.43 -19.33 -25.68
C ALA A 317 -10.02 -18.80 -26.03
N GLY A 318 -9.91 -18.19 -27.20
CA GLY A 318 -8.67 -17.62 -27.69
C GLY A 318 -8.06 -16.58 -26.75
N LEU A 319 -8.90 -15.67 -26.26
CA LEU A 319 -8.47 -14.67 -25.26
C LEU A 319 -8.08 -15.31 -23.94
N ARG A 320 -8.88 -16.27 -23.49
CA ARG A 320 -8.56 -17.02 -22.28
C ARG A 320 -7.24 -17.78 -22.40
N GLU A 321 -6.99 -18.37 -23.57
CA GLU A 321 -5.72 -19.05 -23.83
C GLU A 321 -4.52 -18.08 -23.77
N ALA A 322 -4.71 -16.87 -24.29
CA ALA A 322 -3.66 -15.86 -24.31
C ALA A 322 -3.44 -15.26 -22.93
N TYR A 323 -4.52 -15.00 -22.21
CA TYR A 323 -4.42 -14.58 -20.81
C TYR A 323 -3.71 -15.66 -19.97
N ASP A 324 -4.04 -16.94 -20.19
CA ASP A 324 -3.42 -18.05 -19.44
C ASP A 324 -1.97 -18.25 -19.82
N ALA A 325 -1.61 -17.93 -21.06
CA ALA A 325 -0.21 -17.98 -21.48
C ALA A 325 0.65 -17.05 -20.62
N CYS A 326 0.11 -15.85 -20.36
CA CYS A 326 0.75 -14.90 -19.46
C CYS A 326 0.81 -15.41 -18.02
N VAL A 327 -0.31 -15.98 -17.54
CA VAL A 327 -0.35 -16.50 -16.17
C VAL A 327 0.66 -17.64 -16.01
N LYS A 328 0.67 -18.58 -16.97
CA LYS A 328 1.63 -19.69 -16.97
C LYS A 328 3.08 -19.19 -16.91
N ALA A 329 3.38 -18.13 -17.67
CA ALA A 329 4.73 -17.57 -17.71
C ALA A 329 5.17 -17.05 -16.34
N LEU A 330 4.30 -16.30 -15.68
CA LEU A 330 4.56 -15.85 -14.32
C LEU A 330 4.74 -16.98 -13.33
N VAL A 331 3.91 -18.01 -13.44
CA VAL A 331 4.02 -19.18 -12.57
C VAL A 331 5.41 -19.75 -12.70
N SER A 332 5.86 -19.92 -13.94
CA SER A 332 7.20 -20.46 -14.21
C SER A 332 8.32 -19.61 -13.63
N LEU A 333 8.17 -18.30 -13.74
CA LEU A 333 9.11 -17.38 -13.12
C LEU A 333 9.17 -17.58 -11.61
N ARG A 334 8.02 -17.70 -10.96
CA ARG A 334 7.97 -17.95 -9.51
C ARG A 334 8.59 -19.29 -9.15
N SER A 335 8.21 -20.34 -9.88
CA SER A 335 8.80 -21.65 -9.69
C SER A 335 10.31 -21.58 -9.78
N TYR A 336 10.81 -20.80 -10.75
CA TYR A 336 12.25 -20.75 -10.99
C TYR A 336 12.99 -20.02 -9.88
N HIS A 337 12.43 -18.89 -9.47
CA HIS A 337 12.94 -18.12 -8.34
C HIS A 337 13.04 -18.99 -7.09
N LEU A 338 12.07 -19.88 -6.89
CA LEU A 338 12.08 -20.83 -5.75
C LEU A 338 13.24 -21.84 -5.84
N GLN A 339 13.51 -22.34 -7.04
CA GLN A 339 14.67 -23.19 -7.29
C GLN A 339 15.99 -22.46 -7.00
N ILE A 340 16.03 -21.17 -7.32
CA ILE A 340 17.20 -20.36 -7.01
C ILE A 340 17.34 -20.23 -5.51
N VAL A 341 16.25 -19.89 -4.83
CA VAL A 341 16.30 -19.81 -3.36
C VAL A 341 16.71 -21.16 -2.75
N THR A 342 16.29 -22.25 -3.36
CA THR A 342 16.65 -23.57 -2.85
C THR A 342 18.16 -23.82 -2.99
N LYS A 343 18.68 -23.64 -4.20
CA LYS A 343 20.10 -23.87 -4.47
C LYS A 343 21.04 -22.87 -3.75
N TYR A 344 20.61 -21.62 -3.66
CA TYR A 344 21.48 -20.53 -3.19
C TYR A 344 21.29 -20.11 -1.74
N ILE A 345 20.18 -20.50 -1.09
CA ILE A 345 19.95 -20.16 0.32
C ILE A 345 19.65 -21.41 1.18
N LEU A 346 18.66 -22.21 0.82
CA LEU A 346 18.31 -23.38 1.65
C LEU A 346 19.49 -24.35 1.83
N ILE A 347 20.06 -24.81 0.71
CA ILE A 347 21.09 -25.85 0.78
C ILE A 347 22.37 -25.35 1.49
N PRO A 348 22.92 -24.18 1.11
CA PRO A 348 24.05 -23.58 1.85
C PRO A 348 23.80 -23.39 3.34
N ALA A 349 22.64 -22.87 3.70
CA ALA A 349 22.23 -22.75 5.10
C ALA A 349 22.28 -24.07 5.86
N SER A 350 21.93 -25.17 5.18
CA SER A 350 21.95 -26.52 5.79
C SER A 350 23.36 -27.03 6.07
N GLN A 351 24.32 -26.67 5.21
CA GLN A 351 25.73 -27.04 5.37
C GLN A 351 26.48 -26.24 6.45
N GLN A 352 25.88 -25.13 6.88
CA GLN A 352 26.47 -24.22 7.89
C GLN A 352 26.56 -24.85 9.28
N PRO A 353 27.81 -25.10 9.79
CA PRO A 353 27.94 -25.81 11.09
C PRO A 353 27.82 -24.87 12.30
N GLY A 372 15.94 -18.43 4.71
CA GLY A 372 15.39 -18.96 3.46
C GLY A 372 13.92 -19.34 3.52
N THR A 373 13.52 -20.03 4.60
CA THR A 373 12.15 -20.55 4.76
C THR A 373 11.06 -19.48 4.57
N ASP A 374 11.27 -18.29 5.12
CA ASP A 374 10.29 -17.20 5.00
C ASP A 374 10.14 -16.66 3.58
N LEU A 375 11.22 -16.74 2.81
CA LEU A 375 11.21 -16.32 1.42
C LEU A 375 10.53 -17.39 0.57
N MET A 376 10.87 -18.66 0.85
CA MET A 376 10.19 -19.80 0.23
C MET A 376 8.68 -19.73 0.40
N ASN A 377 8.23 -19.47 1.63
CA ASN A 377 6.79 -19.42 1.93
C ASN A 377 6.14 -18.21 1.30
N PHE A 378 6.88 -17.10 1.30
CA PHE A 378 6.44 -15.90 0.61
C PHE A 378 6.19 -16.20 -0.88
N LEU A 379 7.17 -16.80 -1.55
CA LEU A 379 7.07 -17.08 -2.99
C LEU A 379 6.07 -18.19 -3.35
N LYS A 380 5.97 -19.18 -2.47
CA LYS A 380 4.97 -20.24 -2.65
C LYS A 380 3.57 -19.66 -2.66
N THR A 381 3.32 -18.68 -1.81
CA THR A 381 2.04 -17.97 -1.76
C THR A 381 1.82 -17.17 -3.04
N VAL A 382 2.85 -16.45 -3.48
CA VAL A 382 2.75 -15.65 -4.69
C VAL A 382 2.46 -16.59 -5.86
N ARG A 383 3.19 -17.70 -5.95
CA ARG A 383 2.98 -18.66 -7.03
C ARG A 383 1.59 -19.26 -6.99
N SER A 384 1.17 -19.63 -5.80
CA SER A 384 -0.11 -20.28 -5.61
C SER A 384 -1.24 -19.34 -6.01
N THR A 385 -1.14 -18.06 -5.61
CA THR A 385 -2.09 -17.02 -6.01
C THR A 385 -2.13 -16.86 -7.53
N THR A 386 -0.96 -17.00 -8.16
CA THR A 386 -0.83 -16.92 -9.60
C THR A 386 -1.53 -18.11 -10.27
N GLU A 387 -1.22 -19.32 -9.80
CA GLU A 387 -1.87 -20.55 -10.31
C GLU A 387 -3.39 -20.44 -10.26
N LYS A 388 -3.89 -20.05 -9.10
CA LYS A 388 -5.34 -19.84 -8.91
C LYS A 388 -5.98 -18.79 -9.83
N SER A 389 -5.19 -17.95 -10.51
CA SER A 389 -5.73 -16.98 -11.49
C SER A 389 -5.93 -17.53 -12.90
N LEU A 390 -5.46 -18.74 -13.18
CA LEU A 390 -5.72 -19.40 -14.48
C LEU A 390 -7.20 -19.53 -14.72
N LEU A 391 -7.62 -19.49 -15.98
CA LEU A 391 -9.04 -19.51 -16.33
C LEU A 391 -9.57 -20.90 -16.66
N LYS A 392 -8.98 -21.56 -17.65
CA LYS A 392 -9.46 -22.87 -18.14
C LYS A 392 -9.40 -23.95 -17.05
N MET B 1 -13.26 17.08 -13.80
CA MET B 1 -13.96 15.75 -13.74
C MET B 1 -13.11 14.68 -13.02
N ILE B 2 -13.59 14.20 -11.86
CA ILE B 2 -13.01 13.04 -11.18
C ILE B 2 -13.46 11.77 -11.91
N SER B 3 -12.54 11.16 -12.66
CA SER B 3 -12.82 9.95 -13.46
C SER B 3 -13.67 8.91 -12.70
N LYS B 4 -14.71 8.41 -13.36
CA LYS B 4 -15.75 7.59 -12.72
C LYS B 4 -15.25 6.20 -12.28
N GLU B 5 -14.06 5.81 -12.77
CA GLU B 5 -13.32 4.65 -12.25
C GLU B 5 -12.89 4.80 -10.77
N TYR B 6 -12.90 6.02 -10.23
CA TYR B 6 -12.63 6.27 -8.80
C TYR B 6 -13.88 6.21 -7.86
N HIS B 7 -15.07 5.91 -8.39
CA HIS B 7 -16.32 5.81 -7.59
C HIS B 7 -16.50 6.90 -6.52
N ILE B 8 -16.34 8.16 -6.95
CA ILE B 8 -16.58 9.34 -6.10
C ILE B 8 -17.77 10.12 -6.68
N ASP B 9 -18.73 10.45 -5.83
CA ASP B 9 -19.99 11.08 -6.25
C ASP B 9 -19.88 12.60 -6.10
N GLU B 10 -20.61 13.34 -6.93
CA GLU B 10 -20.67 14.81 -6.81
C GLU B 10 -21.23 15.20 -5.44
N GLU B 11 -22.37 14.62 -5.07
CA GLU B 11 -23.10 15.00 -3.87
C GLU B 11 -22.47 14.41 -2.61
N VAL B 12 -22.24 13.08 -2.61
CA VAL B 12 -21.88 12.34 -1.39
C VAL B 12 -20.42 11.87 -1.29
N GLY B 13 -19.60 12.22 -2.29
CA GLY B 13 -18.17 11.85 -2.32
C GLY B 13 -17.92 10.36 -2.27
N PHE B 14 -17.28 9.91 -1.19
CA PHE B 14 -16.93 8.49 -1.03
C PHE B 14 -18.09 7.62 -0.58
N ALA B 15 -19.17 8.21 -0.08
CA ALA B 15 -20.36 7.43 0.25
C ALA B 15 -20.95 6.73 -1.00
N LEU B 16 -21.48 5.53 -0.79
CA LEU B 16 -22.24 4.84 -1.82
C LEU B 16 -23.51 5.66 -2.01
N PRO B 17 -23.68 6.28 -3.19
CA PRO B 17 -24.86 7.14 -3.37
C PRO B 17 -26.13 6.28 -3.40
N ASN B 18 -27.18 6.73 -2.71
CA ASN B 18 -28.45 5.99 -2.55
C ASN B 18 -28.29 4.47 -2.49
N PRO B 19 -27.80 3.96 -1.35
CA PRO B 19 -27.61 2.52 -1.14
C PRO B 19 -28.89 1.72 -1.22
N GLN B 20 -28.75 0.45 -1.56
CA GLN B 20 -29.88 -0.43 -1.76
C GLN B 20 -30.32 -0.94 -0.41
N GLU B 21 -31.64 -1.09 -0.24
CA GLU B 21 -32.24 -1.50 1.03
C GLU B 21 -32.56 -2.99 1.07
N ASN B 22 -33.08 -3.53 -0.03
CA ASN B 22 -33.44 -4.95 -0.10
C ASN B 22 -32.62 -5.74 -1.10
N LEU B 23 -32.24 -6.95 -0.72
CA LEU B 23 -31.61 -7.90 -1.62
C LEU B 23 -32.70 -8.63 -2.40
N PRO B 24 -32.33 -9.35 -3.47
CA PRO B 24 -33.24 -10.33 -4.05
C PRO B 24 -33.85 -11.29 -3.02
N ASP B 25 -35.12 -11.63 -3.25
CA ASP B 25 -35.86 -12.49 -2.33
C ASP B 25 -35.13 -13.81 -2.05
N PHE B 26 -34.31 -14.26 -3.01
CA PHE B 26 -33.40 -15.40 -2.81
C PHE B 26 -32.60 -15.29 -1.51
N TYR B 27 -32.22 -14.07 -1.14
CA TYR B 27 -31.48 -13.82 0.11
C TYR B 27 -32.37 -13.36 1.27
N ASN B 28 -33.66 -13.71 1.28
CA ASN B 28 -34.56 -13.33 2.40
C ASN B 28 -34.08 -13.80 3.80
N ASP B 29 -33.46 -14.97 3.85
CA ASP B 29 -32.95 -15.51 5.12
C ASP B 29 -31.80 -14.68 5.73
N TRP B 30 -30.92 -14.17 4.87
CA TRP B 30 -29.86 -13.22 5.30
C TRP B 30 -30.49 -11.95 5.88
N MET B 31 -31.43 -11.38 5.12
CA MET B 31 -32.07 -10.11 5.46
C MET B 31 -32.81 -10.19 6.78
N PHE B 32 -33.52 -11.29 7.02
CA PHE B 32 -34.20 -11.48 8.31
C PHE B 32 -33.24 -11.32 9.49
N ILE B 33 -32.10 -12.02 9.42
CA ILE B 33 -31.16 -12.02 10.52
C ILE B 33 -30.59 -10.61 10.71
N ALA B 34 -30.14 -10.00 9.60
CA ALA B 34 -29.53 -8.66 9.68
C ALA B 34 -30.52 -7.62 10.16
N LYS B 35 -31.75 -7.70 9.68
CA LYS B 35 -32.79 -6.77 10.10
C LYS B 35 -33.15 -6.92 11.58
N HIS B 36 -32.95 -8.10 12.17
CA HIS B 36 -33.39 -8.37 13.54
C HIS B 36 -32.28 -8.76 14.51
N LEU B 37 -31.08 -8.21 14.28
CA LEU B 37 -29.96 -8.47 15.18
C LEU B 37 -30.24 -8.10 16.64
N PRO B 38 -30.80 -6.90 16.91
CA PRO B 38 -31.18 -6.56 18.28
C PRO B 38 -32.03 -7.63 18.97
N ASP B 39 -32.99 -8.18 18.23
CA ASP B 39 -34.00 -9.06 18.80
C ASP B 39 -33.52 -10.48 18.96
N LEU B 40 -32.66 -10.92 18.05
CA LEU B 40 -32.16 -12.30 18.04
C LEU B 40 -31.00 -12.49 19.00
N ILE B 41 -30.15 -11.49 19.13
CA ILE B 41 -29.07 -11.50 20.15
C ILE B 41 -29.69 -11.58 21.55
N GLU B 42 -30.71 -10.77 21.76
CA GLU B 42 -31.31 -10.61 23.06
C GLU B 42 -32.14 -11.83 23.48
N SER B 43 -32.73 -12.52 22.51
CA SER B 43 -33.44 -13.78 22.76
C SER B 43 -32.52 -15.02 22.74
N GLY B 44 -31.21 -14.80 22.59
CA GLY B 44 -30.24 -15.88 22.53
C GLY B 44 -30.36 -16.83 21.34
N GLN B 45 -30.81 -16.33 20.19
CA GLN B 45 -31.07 -17.17 19.00
C GLN B 45 -30.33 -16.74 17.72
N LEU B 46 -29.49 -15.71 17.80
CA LEU B 46 -28.75 -15.24 16.64
C LEU B 46 -27.93 -16.39 16.06
N ARG B 47 -27.12 -17.01 16.91
CA ARG B 47 -26.20 -18.08 16.50
C ARG B 47 -26.91 -19.28 15.89
N GLU B 48 -28.00 -19.71 16.52
CA GLU B 48 -28.87 -20.78 16.03
C GLU B 48 -29.39 -20.48 14.62
N ARG B 49 -29.95 -19.29 14.45
CA ARG B 49 -30.50 -18.88 13.15
C ARG B 49 -29.47 -18.87 12.06
N VAL B 50 -28.28 -18.34 12.37
CA VAL B 50 -27.16 -18.33 11.42
C VAL B 50 -26.68 -19.75 11.13
N GLU B 51 -26.62 -20.59 12.16
CA GLU B 51 -26.16 -21.98 12.04
C GLU B 51 -27.10 -22.85 11.22
N LYS B 52 -28.38 -22.51 11.22
CA LYS B 52 -29.39 -23.22 10.44
C LYS B 52 -29.58 -22.67 9.01
N LEU B 53 -28.82 -21.64 8.62
CA LEU B 53 -28.81 -21.16 7.22
C LEU B 53 -28.20 -22.18 6.27
N ASN B 54 -28.67 -22.20 5.03
CA ASN B 54 -27.99 -22.95 3.98
C ASN B 54 -26.95 -22.08 3.34
N MET B 55 -26.02 -22.69 2.63
CA MET B 55 -25.05 -21.93 1.86
C MET B 55 -25.67 -21.48 0.54
N LEU B 56 -25.73 -20.16 0.35
CA LEU B 56 -26.38 -19.54 -0.81
C LEU B 56 -25.33 -18.94 -1.74
N SER B 57 -25.48 -19.21 -3.03
CA SER B 57 -24.58 -18.66 -4.04
C SER B 57 -24.72 -17.14 -4.11
N ILE B 58 -23.62 -16.46 -4.36
CA ILE B 58 -23.58 -14.98 -4.51
C ILE B 58 -23.82 -14.52 -5.95
N ASP B 59 -24.00 -15.48 -6.87
CA ASP B 59 -24.23 -15.20 -8.30
C ASP B 59 -25.39 -14.26 -8.58
N HIS B 60 -26.44 -14.34 -7.76
CA HIS B 60 -27.67 -13.56 -7.99
C HIS B 60 -27.60 -12.12 -7.48
N LEU B 61 -26.47 -11.74 -6.88
CA LEU B 61 -26.15 -10.35 -6.54
C LEU B 61 -25.51 -9.70 -7.77
N THR B 62 -26.37 -9.14 -8.63
CA THR B 62 -26.00 -8.85 -10.02
C THR B 62 -25.22 -7.55 -10.26
N ASP B 63 -25.34 -6.57 -9.34
CA ASP B 63 -24.74 -5.23 -9.51
C ASP B 63 -23.94 -4.80 -8.26
N HIS B 64 -23.31 -3.64 -8.35
CA HIS B 64 -22.45 -3.14 -7.27
C HIS B 64 -23.20 -2.81 -5.96
N LYS B 65 -24.39 -2.22 -6.07
CA LYS B 65 -25.18 -1.83 -4.91
C LYS B 65 -25.77 -3.02 -4.16
N SER B 66 -26.22 -4.04 -4.89
CA SER B 66 -26.68 -5.28 -4.24
C SER B 66 -25.50 -6.01 -3.58
N GLN B 67 -24.33 -6.02 -4.23
CA GLN B 67 -23.12 -6.60 -3.64
C GLN B 67 -22.70 -5.94 -2.32
N ARG B 68 -22.78 -4.62 -2.27
CA ARG B 68 -22.40 -3.87 -1.07
C ARG B 68 -23.41 -4.08 0.07
N LEU B 69 -24.70 -4.06 -0.27
CA LEU B 69 -25.73 -4.36 0.71
C LEU B 69 -25.47 -5.72 1.33
N ALA B 70 -25.29 -6.73 0.49
CA ALA B 70 -24.99 -8.08 0.95
C ALA B 70 -23.76 -8.12 1.85
N ARG B 71 -22.73 -7.36 1.50
CA ARG B 71 -21.52 -7.25 2.34
C ARG B 71 -21.84 -6.67 3.71
N LEU B 72 -22.60 -5.58 3.69
CA LEU B 72 -23.10 -4.96 4.91
C LEU B 72 -23.94 -5.97 5.73
N VAL B 73 -24.83 -6.72 5.06
CA VAL B 73 -25.70 -7.71 5.71
C VAL B 73 -24.89 -8.82 6.40
N LEU B 74 -23.98 -9.42 5.64
CA LEU B 74 -23.15 -10.50 6.15
C LEU B 74 -22.10 -10.00 7.16
N GLY B 75 -21.60 -8.79 6.93
CA GLY B 75 -20.64 -8.19 7.85
C GLY B 75 -21.25 -7.95 9.21
N CYS B 76 -22.46 -7.41 9.22
CA CYS B 76 -23.20 -7.23 10.45
C CYS B 76 -23.55 -8.53 11.14
N ILE B 77 -23.96 -9.54 10.37
CA ILE B 77 -24.25 -10.86 10.94
C ILE B 77 -22.97 -11.44 11.55
N THR B 78 -21.86 -11.34 10.82
CA THR B 78 -20.58 -11.87 11.29
C THR B 78 -20.22 -11.27 12.65
N MET B 79 -20.25 -9.95 12.76
CA MET B 79 -19.95 -9.28 14.04
C MET B 79 -20.87 -9.76 15.16
N ALA B 80 -22.18 -9.80 14.88
CA ALA B 80 -23.15 -10.32 15.86
C ALA B 80 -22.80 -11.77 16.24
N TYR B 81 -22.53 -12.61 15.24
CA TYR B 81 -22.20 -14.00 15.49
C TYR B 81 -20.95 -14.19 16.32
N VAL B 82 -19.90 -13.42 16.05
CA VAL B 82 -18.63 -13.53 16.79
C VAL B 82 -18.73 -12.99 18.22
N TRP B 83 -19.42 -11.86 18.39
CA TRP B 83 -19.49 -11.20 19.71
C TRP B 83 -20.69 -11.60 20.58
N GLY B 84 -21.77 -12.07 19.95
CA GLY B 84 -22.95 -12.55 20.68
C GLY B 84 -23.64 -11.41 21.43
N LYS B 85 -23.97 -11.64 22.70
CA LYS B 85 -24.54 -10.61 23.61
C LYS B 85 -23.51 -9.54 24.04
N GLY B 86 -22.23 -9.76 23.71
CA GLY B 86 -21.18 -8.74 23.86
C GLY B 86 -20.52 -8.69 25.22
N HIS B 87 -20.59 -9.80 25.95
CA HIS B 87 -20.10 -9.89 27.33
C HIS B 87 -19.11 -11.05 27.49
N GLY B 88 -18.34 -11.32 26.44
CA GLY B 88 -17.25 -12.30 26.50
C GLY B 88 -17.47 -13.65 25.86
N ASP B 89 -18.72 -14.15 25.83
CA ASP B 89 -18.99 -15.45 25.15
C ASP B 89 -18.83 -15.27 23.63
N VAL B 90 -17.75 -15.82 23.08
CA VAL B 90 -17.28 -15.52 21.72
C VAL B 90 -17.30 -16.75 20.83
N ARG B 91 -17.46 -16.57 19.52
CA ARG B 91 -17.29 -17.64 18.53
C ARG B 91 -15.98 -17.44 17.73
N LYS B 92 -15.07 -18.41 17.80
CA LYS B 92 -13.80 -18.37 17.05
C LYS B 92 -13.90 -18.97 15.63
N VAL B 93 -15.09 -19.45 15.25
CA VAL B 93 -15.30 -20.14 13.97
C VAL B 93 -16.58 -19.63 13.33
N LEU B 94 -16.49 -19.24 12.07
CA LEU B 94 -17.62 -18.68 11.34
C LEU B 94 -18.13 -19.79 10.41
N PRO B 95 -19.40 -20.23 10.58
CA PRO B 95 -19.91 -21.35 9.79
C PRO B 95 -19.80 -21.15 8.27
N ARG B 96 -19.42 -22.20 7.56
CA ARG B 96 -19.36 -22.19 6.09
C ARG B 96 -20.60 -21.60 5.42
N ASN B 97 -21.77 -21.89 5.97
CA ASN B 97 -23.06 -21.29 5.54
C ASN B 97 -22.93 -19.85 5.09
N ILE B 98 -22.29 -19.07 5.96
CA ILE B 98 -22.15 -17.64 5.85
C ILE B 98 -20.71 -17.25 5.50
N ALA B 99 -19.73 -17.92 6.12
CA ALA B 99 -18.30 -17.66 5.89
C ALA B 99 -17.87 -17.74 4.42
N VAL B 100 -18.36 -18.75 3.71
CA VAL B 100 -18.01 -18.95 2.30
C VAL B 100 -18.52 -17.81 1.40
N PRO B 101 -19.86 -17.60 1.33
CA PRO B 101 -20.35 -16.50 0.49
C PRO B 101 -19.79 -15.14 0.86
N TYR B 102 -19.65 -14.87 2.16
CA TYR B 102 -19.06 -13.62 2.63
C TYR B 102 -17.65 -13.43 2.03
N CYS B 103 -16.83 -14.47 2.10
CA CYS B 103 -15.46 -14.41 1.57
C CYS B 103 -15.41 -14.30 0.04
N GLN B 104 -16.27 -15.06 -0.63
CA GLN B 104 -16.41 -14.99 -2.08
C GLN B 104 -16.75 -13.55 -2.50
N LEU B 105 -17.73 -12.96 -1.83
CA LEU B 105 -18.18 -11.59 -2.10
C LEU B 105 -17.08 -10.55 -1.77
N SER B 106 -16.34 -10.81 -0.70
CA SER B 106 -15.20 -9.97 -0.28
C SER B 106 -14.06 -10.05 -1.30
N LYS B 107 -13.73 -11.25 -1.75
CA LYS B 107 -12.80 -11.42 -2.87
C LYS B 107 -13.26 -10.57 -4.06
N LYS B 108 -14.56 -10.65 -4.37
CA LYS B 108 -15.14 -9.98 -5.54
C LYS B 108 -14.95 -8.46 -5.45
N LEU B 109 -15.34 -7.88 -4.33
CA LEU B 109 -15.24 -6.43 -4.10
C LEU B 109 -13.84 -5.94 -3.65
N GLU B 110 -12.92 -6.89 -3.45
CA GLU B 110 -11.55 -6.63 -2.97
C GLU B 110 -11.47 -6.01 -1.55
N LEU B 111 -12.46 -6.30 -0.72
CA LEU B 111 -12.45 -5.90 0.68
C LEU B 111 -12.10 -7.13 1.50
N PRO B 112 -11.55 -6.96 2.72
CA PRO B 112 -11.37 -8.11 3.60
C PRO B 112 -12.72 -8.54 4.18
N PRO B 113 -12.91 -9.83 4.49
CA PRO B 113 -14.19 -10.28 5.02
C PRO B 113 -14.36 -9.91 6.50
N ILE B 114 -14.62 -8.62 6.75
CA ILE B 114 -14.95 -8.07 8.06
C ILE B 114 -15.69 -6.75 7.86
N LEU B 115 -16.58 -6.39 8.78
CA LEU B 115 -17.29 -5.12 8.69
C LEU B 115 -16.29 -3.97 8.72
N VAL B 116 -16.37 -3.09 7.73
CA VAL B 116 -15.49 -1.92 7.65
C VAL B 116 -16.32 -0.65 7.58
N TYR B 117 -15.63 0.48 7.69
CA TYR B 117 -16.25 1.80 7.58
C TYR B 117 -17.15 1.92 6.34
N ALA B 118 -16.64 1.45 5.20
CA ALA B 118 -17.38 1.53 3.95
C ALA B 118 -18.66 0.73 3.98
N ASP B 119 -18.68 -0.37 4.75
CA ASP B 119 -19.91 -1.15 4.96
C ASP B 119 -20.85 -0.38 5.83
N CYS B 120 -20.47 -0.17 7.10
CA CYS B 120 -21.41 0.30 8.13
C CYS B 120 -21.65 1.79 8.19
N VAL B 121 -20.90 2.58 7.42
CA VAL B 121 -21.14 4.03 7.28
C VAL B 121 -21.49 4.37 5.84
N LEU B 122 -20.59 4.05 4.91
CA LEU B 122 -20.75 4.52 3.51
C LEU B 122 -21.89 3.83 2.75
N ALA B 123 -22.28 2.64 3.18
CA ALA B 123 -23.40 1.90 2.54
C ALA B 123 -24.59 1.62 3.46
N ASN B 124 -24.54 2.13 4.69
CA ASN B 124 -25.55 1.80 5.74
C ASN B 124 -26.46 2.99 5.97
N TRP B 125 -27.12 3.44 4.91
CA TRP B 125 -28.01 4.57 5.03
C TRP B 125 -29.10 4.64 3.97
N LYS B 126 -30.23 5.23 4.36
CA LYS B 126 -31.28 5.64 3.44
C LYS B 126 -31.71 7.04 3.85
N LYS B 127 -32.29 7.77 2.93
CA LYS B 127 -33.01 8.98 3.30
C LYS B 127 -34.50 8.62 3.39
N LYS B 128 -35.20 9.25 4.32
CA LYS B 128 -36.61 8.94 4.58
C LYS B 128 -37.45 9.50 3.44
N ASP B 129 -37.34 10.81 3.23
CA ASP B 129 -37.97 11.47 2.09
C ASP B 129 -36.92 11.76 1.01
N PRO B 130 -37.01 11.07 -0.16
CA PRO B 130 -36.14 11.35 -1.32
C PRO B 130 -36.04 12.82 -1.73
N ASN B 131 -37.14 13.55 -1.62
CA ASN B 131 -37.20 14.97 -1.98
C ASN B 131 -36.49 15.90 -1.01
N LYS B 132 -36.58 15.61 0.29
CA LYS B 132 -35.87 16.41 1.31
C LYS B 132 -34.36 16.11 1.28
N PRO B 133 -33.52 17.08 1.67
CA PRO B 133 -32.06 16.90 1.55
C PRO B 133 -31.41 15.89 2.52
N LEU B 134 -30.10 15.67 2.33
CA LEU B 134 -29.30 14.75 3.16
C LEU B 134 -28.90 15.41 4.47
N THR B 135 -29.84 15.40 5.41
CA THR B 135 -29.60 15.87 6.77
C THR B 135 -29.89 14.72 7.70
N TYR B 136 -29.32 14.81 8.92
CA TYR B 136 -29.54 13.77 9.94
C TYR B 136 -31.03 13.47 10.13
N GLU B 137 -31.84 14.51 10.04
CA GLU B 137 -33.27 14.46 10.32
C GLU B 137 -34.02 13.65 9.24
N ASN B 138 -33.59 13.81 7.98
CA ASN B 138 -34.18 13.07 6.87
C ASN B 138 -33.55 11.69 6.64
N MET B 139 -32.63 11.26 7.51
CA MET B 139 -31.84 10.06 7.25
C MET B 139 -31.97 9.02 8.33
N ASP B 140 -31.79 7.76 7.93
CA ASP B 140 -31.74 6.61 8.83
C ASP B 140 -30.66 5.62 8.37
N VAL B 141 -30.30 4.67 9.24
CA VAL B 141 -29.34 3.61 8.90
C VAL B 141 -30.10 2.34 8.59
N LEU B 142 -29.51 1.42 7.83
CA LEU B 142 -30.20 0.19 7.46
C LEU B 142 -30.12 -0.89 8.54
N PHE B 143 -28.98 -1.01 9.21
CA PHE B 143 -28.79 -2.05 10.24
C PHE B 143 -28.13 -1.54 11.53
N SER B 144 -28.54 -2.15 12.64
CA SER B 144 -28.02 -1.88 13.98
C SER B 144 -27.69 -3.19 14.66
N PHE B 145 -27.02 -3.08 15.80
CA PHE B 145 -26.63 -4.26 16.56
C PHE B 145 -27.56 -4.55 17.71
N ARG B 146 -27.81 -3.52 18.51
CA ARG B 146 -28.63 -3.61 19.71
C ARG B 146 -29.54 -2.39 19.83
N ASP B 147 -30.69 -2.56 20.47
CA ASP B 147 -31.46 -1.40 20.94
C ASP B 147 -30.57 -0.54 21.82
N GLY B 148 -30.59 0.76 21.55
CA GLY B 148 -29.84 1.72 22.34
C GLY B 148 -28.36 1.80 22.06
N ASP B 149 -27.87 1.17 20.98
CA ASP B 149 -26.43 1.21 20.66
C ASP B 149 -25.95 2.52 20.05
N CYS B 150 -26.87 3.45 19.74
CA CYS B 150 -26.54 4.69 19.03
C CYS B 150 -25.82 4.48 17.71
N SER B 151 -26.10 3.37 17.02
CA SER B 151 -25.47 3.12 15.73
C SER B 151 -25.91 4.19 14.73
N LYS B 152 -27.19 4.57 14.78
CA LYS B 152 -27.69 5.65 13.93
C LYS B 152 -26.82 6.90 14.09
N GLY B 153 -26.72 7.36 15.33
CA GLY B 153 -25.93 8.54 15.64
C GLY B 153 -24.48 8.44 15.21
N PHE B 154 -23.82 7.34 15.60
CA PHE B 154 -22.40 7.15 15.36
C PHE B 154 -22.10 7.10 13.86
N PHE B 155 -22.88 6.33 13.13
CA PHE B 155 -22.68 6.12 11.70
C PHE B 155 -23.09 7.33 10.84
N LEU B 156 -24.30 7.88 11.06
CA LEU B 156 -24.79 8.99 10.21
C LEU B 156 -24.03 10.29 10.42
N VAL B 157 -23.61 10.57 11.64
CA VAL B 157 -22.77 11.74 11.89
C VAL B 157 -21.46 11.52 11.13
N SER B 158 -20.88 10.32 11.27
CA SER B 158 -19.68 9.97 10.52
C SER B 158 -19.86 10.18 9.02
N LEU B 159 -20.99 9.67 8.49
CA LEU B 159 -21.38 9.87 7.09
C LEU B 159 -21.61 11.34 6.73
N LEU B 160 -22.32 12.07 7.57
CA LEU B 160 -22.59 13.47 7.24
C LEU B 160 -21.30 14.30 7.18
N VAL B 161 -20.32 13.94 8.02
CA VAL B 161 -18.98 14.52 7.97
C VAL B 161 -18.31 14.14 6.65
N GLU B 162 -18.29 12.84 6.38
CA GLU B 162 -17.83 12.31 5.09
C GLU B 162 -18.38 13.14 3.92
N ILE B 163 -19.69 13.40 3.94
CA ILE B 163 -20.34 14.16 2.86
C ILE B 163 -19.90 15.62 2.87
N ALA B 164 -19.96 16.26 4.03
CA ALA B 164 -19.49 17.64 4.17
C ALA B 164 -18.11 17.80 3.51
N ALA B 165 -17.21 16.86 3.79
CA ALA B 165 -15.88 16.86 3.20
C ALA B 165 -15.85 16.55 1.70
N ALA B 166 -16.84 15.78 1.21
CA ALA B 166 -17.00 15.50 -0.23
C ALA B 166 -17.04 16.73 -1.13
N SER B 167 -17.58 17.83 -0.58
CA SER B 167 -17.61 19.11 -1.30
C SER B 167 -16.22 19.64 -1.66
N ALA B 168 -15.21 19.29 -0.85
CA ALA B 168 -13.82 19.63 -1.15
C ALA B 168 -13.19 18.72 -2.19
N ILE B 169 -13.58 17.46 -2.21
CA ILE B 169 -12.98 16.49 -3.13
C ILE B 169 -13.16 16.90 -4.58
N LYS B 170 -14.34 17.41 -4.93
CA LYS B 170 -14.61 17.88 -6.32
C LYS B 170 -13.69 19.04 -6.76
N VAL B 171 -13.21 19.81 -5.79
CA VAL B 171 -12.27 20.90 -6.01
C VAL B 171 -10.85 20.44 -6.36
N ILE B 172 -10.45 19.24 -5.94
CA ILE B 172 -9.07 18.76 -6.10
C ILE B 172 -8.48 18.86 -7.53
N PRO B 173 -9.18 18.34 -8.56
CA PRO B 173 -8.63 18.47 -9.93
C PRO B 173 -8.37 19.91 -10.38
N THR B 174 -9.17 20.85 -9.87
CA THR B 174 -8.95 22.27 -10.12
C THR B 174 -7.59 22.71 -9.59
N VAL B 175 -7.25 22.27 -8.38
CA VAL B 175 -5.95 22.55 -7.77
C VAL B 175 -4.85 22.11 -8.69
N PHE B 176 -4.87 20.82 -9.04
CA PHE B 176 -3.83 20.26 -9.88
C PHE B 176 -3.77 20.92 -11.24
N LYS B 177 -4.93 21.32 -11.78
CA LYS B 177 -4.97 22.02 -13.06
C LYS B 177 -4.38 23.42 -12.93
N ALA B 178 -4.70 24.11 -11.84
CA ALA B 178 -4.13 25.44 -11.58
C ALA B 178 -2.61 25.41 -11.48
N MET B 179 -2.07 24.36 -10.88
CA MET B 179 -0.61 24.23 -10.76
C MET B 179 0.06 24.06 -12.13
N GLN B 180 -0.42 23.10 -12.91
CA GLN B 180 0.18 22.82 -14.21
C GLN B 180 -0.06 23.98 -15.19
N MET B 181 -1.22 24.62 -15.10
CA MET B 181 -1.54 25.79 -15.94
C MET B 181 -0.98 27.11 -15.39
N GLN B 182 -0.40 27.09 -14.19
CA GLN B 182 0.14 28.29 -13.56
C GLN B 182 -0.94 29.37 -13.46
N GLU B 183 -2.03 29.01 -12.80
CA GLU B 183 -3.17 29.89 -12.58
C GLU B 183 -3.26 30.19 -11.08
N ARG B 184 -2.55 31.24 -10.66
CA ARG B 184 -2.39 31.54 -9.24
C ARG B 184 -3.73 31.79 -8.57
N ASP B 185 -4.53 32.70 -9.12
CA ASP B 185 -5.81 33.07 -8.52
C ASP B 185 -6.75 31.86 -8.35
N THR B 186 -6.77 30.98 -9.34
CA THR B 186 -7.63 29.79 -9.30
C THR B 186 -7.16 28.80 -8.22
N LEU B 187 -5.86 28.62 -8.09
CA LEU B 187 -5.30 27.81 -7.02
C LEU B 187 -5.72 28.37 -5.67
N LEU B 188 -5.55 29.67 -5.49
CA LEU B 188 -5.96 30.35 -4.24
C LEU B 188 -7.42 30.13 -3.87
N LYS B 189 -8.32 30.25 -4.85
CA LYS B 189 -9.75 30.14 -4.64
C LYS B 189 -10.11 28.72 -4.23
N ALA B 190 -9.54 27.77 -4.97
CA ALA B 190 -9.73 26.35 -4.71
C ALA B 190 -9.27 25.98 -3.30
N LEU B 191 -8.06 26.41 -2.94
CA LEU B 191 -7.50 26.16 -1.62
C LEU B 191 -8.42 26.70 -0.53
N LEU B 192 -8.91 27.92 -0.72
CA LEU B 192 -9.90 28.49 0.21
C LEU B 192 -11.18 27.68 0.26
N GLU B 193 -11.67 27.26 -0.91
CA GLU B 193 -12.90 26.47 -0.98
C GLU B 193 -12.77 25.17 -0.20
N ILE B 194 -11.62 24.52 -0.33
CA ILE B 194 -11.32 23.32 0.43
C ILE B 194 -11.30 23.61 1.92
N ALA B 195 -10.65 24.70 2.32
CA ALA B 195 -10.60 25.08 3.73
C ALA B 195 -12.00 25.30 4.29
N SER B 196 -12.85 25.95 3.49
CA SER B 196 -14.26 26.16 3.85
C SER B 196 -14.96 24.83 4.11
N CYS B 197 -14.79 23.87 3.21
CA CYS B 197 -15.42 22.56 3.35
C CYS B 197 -14.99 21.79 4.59
N LEU B 198 -13.68 21.78 4.83
CA LEU B 198 -13.13 21.17 6.04
C LEU B 198 -13.56 21.88 7.31
N GLU B 199 -13.73 23.19 7.23
CA GLU B 199 -14.31 23.97 8.33
C GLU B 199 -15.79 23.62 8.54
N LYS B 200 -16.55 23.47 7.46
CA LYS B 200 -17.98 23.03 7.52
C LYS B 200 -18.14 21.64 8.10
N ALA B 201 -17.23 20.74 7.75
CA ALA B 201 -17.29 19.36 8.23
C ALA B 201 -17.03 19.23 9.73
N LEU B 202 -16.17 20.10 10.26
CA LEU B 202 -15.96 20.15 11.72
C LEU B 202 -17.25 20.51 12.44
N GLN B 203 -17.99 21.46 11.87
CA GLN B 203 -19.28 21.89 12.41
C GLN B 203 -20.32 20.78 12.37
N VAL B 204 -20.30 19.96 11.33
CA VAL B 204 -21.16 18.78 11.22
C VAL B 204 -20.80 17.73 12.27
N PHE B 205 -19.51 17.65 12.58
CA PHE B 205 -18.97 16.70 13.57
C PHE B 205 -19.53 16.97 14.99
N HIS B 206 -19.94 18.22 15.24
CA HIS B 206 -20.52 18.60 16.54
C HIS B 206 -21.84 17.89 16.89
N GLN B 207 -22.56 17.38 15.88
CA GLN B 207 -23.79 16.62 16.10
C GLN B 207 -23.60 15.29 16.85
N ILE B 208 -22.37 14.79 16.92
CA ILE B 208 -22.09 13.51 17.57
C ILE B 208 -22.57 13.48 19.02
N HIS B 209 -22.46 14.62 19.71
CA HIS B 209 -22.91 14.76 21.10
C HIS B 209 -24.42 14.68 21.22
N ASP B 210 -25.10 15.18 20.19
CA ASP B 210 -26.57 15.13 20.12
C ASP B 210 -27.15 13.74 19.87
N HIS B 211 -26.35 12.76 19.42
CA HIS B 211 -26.90 11.43 19.04
C HIS B 211 -26.15 10.19 19.55
N VAL B 212 -25.08 10.37 20.31
CA VAL B 212 -24.33 9.23 20.86
C VAL B 212 -24.07 9.52 22.33
N ASN B 213 -24.13 8.46 23.14
CA ASN B 213 -23.93 8.47 24.59
C ASN B 213 -22.64 7.67 24.91
N PRO B 214 -21.73 8.21 25.75
CA PRO B 214 -20.47 7.50 26.06
C PRO B 214 -20.56 6.09 26.65
N LYS B 215 -21.59 5.80 27.45
CA LYS B 215 -21.77 4.45 28.03
C LYS B 215 -22.24 3.50 26.94
N ALA B 216 -23.22 3.94 26.16
CA ALA B 216 -23.78 3.12 25.08
C ALA B 216 -22.72 2.84 24.04
N PHE B 217 -21.91 3.85 23.70
CA PHE B 217 -20.85 3.63 22.73
C PHE B 217 -19.75 2.72 23.26
N PHE B 218 -19.27 2.98 24.48
CA PHE B 218 -18.14 2.23 25.01
C PHE B 218 -18.49 0.76 25.27
N SER B 219 -19.57 0.53 26.01
CA SER B 219 -19.92 -0.83 26.47
C SER B 219 -20.71 -1.69 25.47
N VAL B 220 -21.30 -1.08 24.44
CA VAL B 220 -22.11 -1.81 23.45
C VAL B 220 -21.50 -1.69 22.04
N LEU B 221 -21.65 -0.54 21.40
CA LEU B 221 -21.32 -0.42 19.97
C LEU B 221 -19.85 -0.72 19.65
N ARG B 222 -18.94 -0.20 20.47
CA ARG B 222 -17.52 -0.44 20.32
C ARG B 222 -17.21 -1.92 20.21
N ILE B 223 -17.89 -2.72 21.02
CA ILE B 223 -17.68 -4.18 21.09
C ILE B 223 -17.97 -4.83 19.75
N TYR B 224 -19.10 -4.45 19.16
CA TYR B 224 -19.53 -5.01 17.87
C TYR B 224 -18.68 -4.54 16.69
N LEU B 225 -18.06 -3.37 16.79
CA LEU B 225 -17.15 -2.90 15.74
C LEU B 225 -15.73 -3.45 15.89
N SER B 226 -15.44 -4.14 16.98
CA SER B 226 -14.10 -4.68 17.22
C SER B 226 -13.80 -5.82 16.25
N GLY B 227 -12.58 -5.82 15.76
CA GLY B 227 -12.08 -6.90 14.93
C GLY B 227 -11.34 -7.94 15.73
N TRP B 228 -10.50 -8.67 15.02
CA TRP B 228 -9.71 -9.77 15.54
C TRP B 228 -8.27 -9.69 14.96
N LYS B 229 -7.64 -8.51 15.10
CA LYS B 229 -6.22 -8.31 14.82
C LYS B 229 -5.56 -7.80 16.09
N GLY B 230 -4.75 -8.66 16.72
CA GLY B 230 -4.17 -8.37 18.03
C GLY B 230 -5.20 -8.29 19.13
N ASN B 231 -6.22 -9.14 19.06
CA ASN B 231 -7.29 -9.19 20.05
C ASN B 231 -7.10 -10.47 20.87
N PRO B 232 -6.85 -10.34 22.19
CA PRO B 232 -6.71 -11.54 23.03
C PRO B 232 -7.93 -12.49 23.07
N GLN B 233 -9.13 -11.97 22.79
CA GLN B 233 -10.35 -12.80 22.83
C GLN B 233 -10.40 -13.81 21.68
N LEU B 234 -10.01 -13.37 20.49
CA LEU B 234 -9.75 -14.27 19.36
C LEU B 234 -8.25 -14.20 19.03
N SER B 235 -7.46 -14.96 19.80
CA SER B 235 -5.99 -14.92 19.77
C SER B 235 -5.38 -14.97 18.36
N ASP B 236 -5.74 -16.02 17.61
CA ASP B 236 -5.15 -16.30 16.29
C ASP B 236 -5.98 -15.77 15.11
N GLY B 237 -6.81 -14.77 15.37
CA GLY B 237 -7.81 -14.33 14.39
C GLY B 237 -9.00 -15.27 14.38
N LEU B 238 -9.78 -15.19 13.29
CA LEU B 238 -11.04 -15.94 13.13
C LEU B 238 -10.91 -16.98 12.04
N VAL B 239 -11.61 -18.11 12.21
CA VAL B 239 -11.71 -19.15 11.18
C VAL B 239 -12.91 -18.88 10.25
N TYR B 240 -12.62 -18.77 8.96
CA TYR B 240 -13.64 -18.65 7.91
C TYR B 240 -13.85 -20.05 7.34
N GLU B 241 -14.60 -20.85 8.12
CA GLU B 241 -14.82 -22.28 7.86
C GLU B 241 -15.22 -22.54 6.42
N GLY B 242 -14.48 -23.43 5.76
CA GLY B 242 -14.77 -23.82 4.39
C GLY B 242 -14.12 -22.97 3.31
N PHE B 243 -13.47 -21.87 3.70
CA PHE B 243 -12.80 -20.98 2.74
C PHE B 243 -11.29 -20.92 2.95
N TRP B 244 -10.87 -20.66 4.17
CA TRP B 244 -9.47 -20.72 4.56
C TRP B 244 -9.36 -21.75 5.67
N GLU B 245 -8.41 -22.67 5.54
CA GLU B 245 -8.10 -23.67 6.57
C GLU B 245 -7.67 -22.98 7.87
N ASP B 246 -6.62 -22.17 7.78
CA ASP B 246 -6.07 -21.47 8.94
C ASP B 246 -6.94 -20.27 9.29
N PRO B 247 -6.95 -19.88 10.58
CA PRO B 247 -7.62 -18.63 10.90
C PRO B 247 -6.89 -17.42 10.29
N LYS B 248 -7.59 -16.29 10.20
CA LYS B 248 -7.05 -15.07 9.61
C LYS B 248 -7.45 -13.86 10.47
N GLU B 249 -6.48 -12.98 10.74
CA GLU B 249 -6.71 -11.77 11.52
C GLU B 249 -7.10 -10.61 10.61
N PHE B 250 -8.09 -9.81 11.01
CA PHE B 250 -8.48 -8.59 10.30
C PHE B 250 -8.84 -7.50 11.29
N ALA B 251 -8.45 -6.26 10.98
CA ALA B 251 -8.71 -5.11 11.86
C ALA B 251 -10.18 -4.71 11.85
N GLY B 252 -10.65 -4.25 13.01
CA GLY B 252 -12.01 -3.76 13.15
C GLY B 252 -12.20 -2.40 12.53
N GLY B 253 -13.44 -1.92 12.59
CA GLY B 253 -13.79 -0.61 12.06
C GLY B 253 -12.92 0.50 12.62
N SER B 254 -12.70 1.55 11.84
CA SER B 254 -11.91 2.69 12.26
C SER B 254 -12.19 3.88 11.38
N ALA B 255 -12.01 5.09 11.92
CA ALA B 255 -12.03 6.31 11.10
C ALA B 255 -10.85 6.30 10.12
N GLY B 256 -9.76 5.64 10.50
CA GLY B 256 -8.61 5.40 9.60
C GLY B 256 -8.96 4.79 8.25
N GLN B 257 -10.09 4.06 8.22
CA GLN B 257 -10.64 3.47 6.99
C GLN B 257 -11.41 4.46 6.11
N SER B 258 -11.70 5.65 6.61
CA SER B 258 -12.32 6.71 5.78
C SER B 258 -11.29 7.24 4.80
N SER B 259 -11.69 7.41 3.55
CA SER B 259 -10.80 7.96 2.53
C SER B 259 -10.61 9.46 2.75
N VAL B 260 -11.67 10.14 3.19
CA VAL B 260 -11.63 11.57 3.56
C VAL B 260 -10.62 11.82 4.68
N PHE B 261 -10.57 10.90 5.63
CA PHE B 261 -9.57 10.89 6.71
C PHE B 261 -8.15 11.04 6.17
N GLN B 262 -7.84 10.41 5.04
CA GLN B 262 -6.47 10.40 4.50
C GLN B 262 -6.19 11.37 3.34
N CYS B 263 -7.20 11.64 2.52
CA CYS B 263 -6.92 12.18 1.18
C CYS B 263 -6.44 13.60 1.16
N PHE B 264 -6.91 14.41 2.11
CA PHE B 264 -6.44 15.79 2.23
C PHE B 264 -5.04 15.88 2.78
N ASP B 265 -4.66 14.95 3.63
CA ASP B 265 -3.27 14.87 4.09
C ASP B 265 -2.36 14.56 2.92
N VAL B 266 -2.84 13.71 2.01
CA VAL B 266 -2.11 13.40 0.80
C VAL B 266 -2.05 14.65 -0.09
N LEU B 267 -3.22 15.21 -0.41
CA LEU B 267 -3.32 16.41 -1.24
C LEU B 267 -2.35 17.49 -0.81
N LEU B 268 -2.30 17.75 0.49
CA LEU B 268 -1.49 18.85 1.04
C LEU B 268 -0.02 18.49 1.32
N GLY B 269 0.40 17.30 0.91
CA GLY B 269 1.78 16.88 1.10
C GLY B 269 2.17 16.65 2.54
N ILE B 270 1.20 16.30 3.38
CA ILE B 270 1.43 15.98 4.79
C ILE B 270 1.75 14.50 4.79
N GLN B 271 3.03 14.17 4.79
CA GLN B 271 3.48 12.79 4.64
C GLN B 271 3.11 11.94 5.88
N GLN B 272 1.81 11.63 6.00
CA GLN B 272 1.29 10.78 7.08
C GLN B 272 1.66 9.33 6.80
N THR B 273 1.42 8.90 5.55
CA THR B 273 1.64 7.52 5.08
C THR B 273 3.09 7.21 4.63
N ALA B 274 3.90 8.24 4.37
CA ALA B 274 5.31 8.07 3.98
C ALA B 274 6.30 8.18 5.18
N GLY B 275 5.79 8.04 6.41
CA GLY B 275 6.58 8.26 7.63
C GLY B 275 7.55 7.14 8.02
N GLY B 276 7.08 5.89 8.01
CA GLY B 276 7.85 4.74 8.50
C GLY B 276 7.35 4.17 9.82
N GLY B 277 6.87 5.03 10.72
CA GLY B 277 6.45 4.65 12.07
C GLY B 277 5.08 4.00 12.13
N HIS B 278 4.57 3.83 13.34
CA HIS B 278 3.30 3.12 13.58
C HIS B 278 2.10 3.78 12.90
N ALA B 279 2.07 5.12 12.92
CA ALA B 279 0.99 5.92 12.33
C ALA B 279 0.91 5.72 10.83
N ALA B 280 2.04 5.93 10.16
CA ALA B 280 2.16 5.77 8.72
C ALA B 280 1.71 4.39 8.27
N GLN B 281 2.29 3.36 8.90
CA GLN B 281 1.96 1.99 8.57
C GLN B 281 0.47 1.73 8.77
N PHE B 282 -0.11 2.22 9.86
CA PHE B 282 -1.54 1.99 10.11
C PHE B 282 -2.41 2.64 9.03
N LEU B 283 -2.07 3.86 8.63
CA LEU B 283 -2.79 4.55 7.55
C LEU B 283 -2.64 3.84 6.21
N GLN B 284 -1.43 3.36 5.97
CA GLN B 284 -1.14 2.52 4.80
C GLN B 284 -2.01 1.27 4.82
N ASP B 285 -1.93 0.54 5.92
CA ASP B 285 -2.62 -0.74 6.09
C ASP B 285 -4.13 -0.57 5.94
N MET B 286 -4.68 0.52 6.49
CA MET B 286 -6.12 0.79 6.37
C MET B 286 -6.59 1.00 4.93
N ARG B 287 -5.71 1.39 4.01
CA ARG B 287 -6.10 1.51 2.59
C ARG B 287 -6.61 0.22 1.99
N ARG B 288 -6.09 -0.90 2.49
CA ARG B 288 -6.59 -2.24 2.12
C ARG B 288 -8.02 -2.50 2.58
N TYR B 289 -8.51 -1.72 3.57
CA TYR B 289 -9.88 -1.85 4.11
C TYR B 289 -10.87 -0.86 3.47
N MET B 290 -10.42 -0.16 2.43
CA MET B 290 -11.26 0.76 1.66
C MET B 290 -11.61 0.11 0.33
N PRO B 291 -12.73 0.53 -0.29
CA PRO B 291 -13.03 0.00 -1.63
C PRO B 291 -11.89 0.30 -2.60
N PRO B 292 -11.56 -0.64 -3.48
CA PRO B 292 -10.35 -0.48 -4.31
C PRO B 292 -10.26 0.85 -5.08
N ALA B 293 -11.37 1.29 -5.68
CA ALA B 293 -11.46 2.57 -6.40
C ALA B 293 -10.99 3.75 -5.56
N HIS B 294 -11.36 3.73 -4.29
CA HIS B 294 -10.99 4.78 -3.34
C HIS B 294 -9.52 4.72 -2.94
N ARG B 295 -8.97 3.52 -2.80
CA ARG B 295 -7.54 3.40 -2.48
C ARG B 295 -6.67 3.76 -3.71
N ASN B 296 -7.17 3.42 -4.90
CA ASN B 296 -6.61 3.90 -6.15
C ASN B 296 -6.57 5.42 -6.20
N PHE B 297 -7.68 6.05 -5.80
CA PHE B 297 -7.75 7.51 -5.72
C PHE B 297 -6.61 8.08 -4.87
N LEU B 298 -6.36 7.48 -3.70
CA LEU B 298 -5.30 7.98 -2.80
C LEU B 298 -3.91 7.93 -3.42
N CYS B 299 -3.50 6.77 -3.94
CA CYS B 299 -2.16 6.68 -4.56
C CYS B 299 -2.03 7.51 -5.82
N SER B 300 -3.14 7.72 -6.54
CA SER B 300 -3.13 8.56 -7.74
C SER B 300 -2.93 10.02 -7.35
N LEU B 301 -3.55 10.49 -6.27
CA LEU B 301 -3.21 11.81 -5.71
C LEU B 301 -1.73 11.90 -5.42
N GLU B 302 -1.17 10.86 -4.81
CA GLU B 302 0.30 10.76 -4.64
C GLU B 302 1.10 10.89 -5.96
N SER B 303 0.56 10.43 -7.09
CA SER B 303 1.25 10.58 -8.40
C SER B 303 1.44 12.02 -8.86
N ASN B 304 0.53 12.90 -8.45
CA ASN B 304 0.52 14.28 -8.93
C ASN B 304 1.57 15.13 -8.22
N PRO B 305 1.90 16.30 -8.79
CA PRO B 305 2.92 17.11 -8.13
C PRO B 305 2.46 17.65 -6.76
N SER B 306 3.43 17.84 -5.87
CA SER B 306 3.19 18.37 -4.53
C SER B 306 2.65 19.81 -4.56
N VAL B 307 1.49 19.98 -3.91
CA VAL B 307 0.92 21.30 -3.67
C VAL B 307 1.81 22.07 -2.70
N ARG B 308 2.35 21.36 -1.72
CA ARG B 308 3.23 21.97 -0.72
C ARG B 308 4.49 22.58 -1.36
N GLU B 309 5.17 21.81 -2.23
CA GLU B 309 6.36 22.31 -2.92
C GLU B 309 6.03 23.51 -3.82
N PHE B 310 4.88 23.44 -4.50
CA PHE B 310 4.42 24.51 -5.36
C PHE B 310 4.19 25.75 -4.54
N VAL B 311 3.40 25.62 -3.49
CA VAL B 311 3.07 26.78 -2.66
C VAL B 311 4.32 27.39 -2.01
N LEU B 312 5.20 26.54 -1.47
CA LEU B 312 6.47 26.99 -0.88
C LEU B 312 7.34 27.81 -1.83
N SER B 313 7.40 27.37 -3.08
CA SER B 313 8.28 27.99 -4.07
C SER B 313 7.87 29.39 -4.53
N LYS B 314 6.65 29.85 -4.22
CA LYS B 314 6.09 31.03 -4.89
C LYS B 314 6.19 32.39 -4.17
N GLY B 315 6.71 32.45 -2.94
CA GLY B 315 6.87 33.73 -2.20
C GLY B 315 5.61 34.60 -2.24
N ASP B 316 4.48 33.98 -1.90
CA ASP B 316 3.14 34.53 -2.07
C ASP B 316 2.34 34.30 -0.78
N ALA B 317 2.17 35.36 0.01
CA ALA B 317 1.48 35.27 1.29
C ALA B 317 0.03 34.77 1.17
N GLY B 318 -0.71 35.31 0.20
CA GLY B 318 -2.08 34.90 -0.06
C GLY B 318 -2.19 33.39 -0.20
N LEU B 319 -1.32 32.84 -1.05
CA LEU B 319 -1.29 31.39 -1.30
C LEU B 319 -0.93 30.58 -0.07
N ARG B 320 0.06 31.04 0.68
CA ARG B 320 0.46 30.35 1.91
C ARG B 320 -0.65 30.40 2.95
N GLU B 321 -1.39 31.51 3.02
CA GLU B 321 -2.52 31.61 3.94
C GLU B 321 -3.64 30.65 3.57
N ALA B 322 -3.87 30.47 2.29
CA ALA B 322 -4.87 29.52 1.82
C ALA B 322 -4.45 28.07 2.09
N TYR B 323 -3.16 27.77 1.90
CA TYR B 323 -2.64 26.44 2.20
C TYR B 323 -2.76 26.16 3.69
N ASP B 324 -2.28 27.08 4.52
CA ASP B 324 -2.39 26.94 5.97
C ASP B 324 -3.84 26.82 6.47
N ALA B 325 -4.75 27.59 5.86
CA ALA B 325 -6.18 27.50 6.19
C ALA B 325 -6.71 26.06 6.00
N CYS B 326 -6.19 25.37 4.99
CA CYS B 326 -6.49 23.94 4.79
C CYS B 326 -5.86 23.08 5.86
N VAL B 327 -4.57 23.30 6.13
CA VAL B 327 -3.83 22.53 7.12
C VAL B 327 -4.40 22.75 8.53
N LYS B 328 -4.78 24.00 8.84
CA LYS B 328 -5.35 24.34 10.15
C LYS B 328 -6.70 23.63 10.38
N ALA B 329 -7.56 23.65 9.37
CA ALA B 329 -8.85 22.96 9.43
C ALA B 329 -8.74 21.45 9.61
N LEU B 330 -7.56 20.91 9.29
CA LEU B 330 -7.29 19.50 9.54
C LEU B 330 -6.91 19.30 10.99
N VAL B 331 -6.07 20.19 11.50
CA VAL B 331 -5.68 20.15 12.92
C VAL B 331 -6.93 20.18 13.82
N SER B 332 -7.86 21.07 13.48
CA SER B 332 -9.12 21.20 14.21
C SER B 332 -9.92 19.90 14.23
N LEU B 333 -10.02 19.24 13.07
CA LEU B 333 -10.64 17.93 13.00
C LEU B 333 -9.89 16.88 13.84
N ARG B 334 -8.55 16.93 13.83
CA ARG B 334 -7.78 15.99 14.66
C ARG B 334 -8.00 16.24 16.14
N SER B 335 -7.77 17.49 16.56
CA SER B 335 -8.10 17.95 17.90
C SER B 335 -9.52 17.56 18.32
N TYR B 336 -10.49 17.81 17.43
CA TYR B 336 -11.87 17.49 17.75
C TYR B 336 -12.09 15.99 17.89
N HIS B 337 -11.48 15.22 17.00
CA HIS B 337 -11.57 13.78 17.06
C HIS B 337 -10.92 13.28 18.37
N LEU B 338 -9.83 13.91 18.81
CA LEU B 338 -9.25 13.59 20.12
C LEU B 338 -10.23 13.83 21.27
N GLN B 339 -11.00 14.92 21.19
CA GLN B 339 -12.01 15.22 22.20
C GLN B 339 -13.11 14.17 22.26
N ILE B 340 -13.51 13.65 21.09
CA ILE B 340 -14.48 12.57 21.01
C ILE B 340 -13.91 11.27 21.60
N VAL B 341 -12.66 10.95 21.28
CA VAL B 341 -12.01 9.76 21.85
C VAL B 341 -12.00 9.81 23.37
N THR B 342 -11.66 10.99 23.93
CA THR B 342 -11.64 11.20 25.39
C THR B 342 -13.01 10.96 26.02
N LYS B 343 -14.00 11.71 25.53
CA LYS B 343 -15.34 11.65 26.09
C LYS B 343 -15.95 10.27 25.95
N TYR B 344 -15.80 9.64 24.79
CA TYR B 344 -16.49 8.39 24.47
C TYR B 344 -15.73 7.08 24.69
N ILE B 345 -14.42 7.15 24.89
CA ILE B 345 -13.62 5.95 25.21
C ILE B 345 -12.88 6.09 26.54
N LEU B 346 -11.98 7.08 26.64
CA LEU B 346 -11.07 7.19 27.81
C LEU B 346 -11.79 7.37 29.16
N ILE B 347 -12.74 8.29 29.15
CA ILE B 347 -13.52 8.64 30.34
C ILE B 347 -14.33 7.44 30.86
N PRO B 348 -15.16 6.81 30.00
CA PRO B 348 -15.78 5.50 30.35
C PRO B 348 -14.79 4.43 30.80
N ALA B 349 -13.71 4.24 30.04
CA ALA B 349 -12.70 3.20 30.27
C ALA B 349 -12.13 3.20 31.68
N SER B 350 -11.81 4.39 32.17
CA SER B 350 -11.19 4.55 33.50
C SER B 350 -12.07 4.05 34.66
N GLN B 351 -13.38 4.09 34.46
CA GLN B 351 -14.35 3.84 35.53
C GLN B 351 -14.62 2.37 35.87
N GLN B 352 -14.59 1.49 34.86
CA GLN B 352 -14.78 0.04 35.08
C GLN B 352 -13.57 -0.60 35.80
N PRO B 353 -13.81 -1.63 36.63
CA PRO B 353 -12.71 -2.28 37.34
C PRO B 353 -11.94 -3.25 36.44
N GLY B 372 -8.54 3.19 24.67
CA GLY B 372 -8.11 3.70 23.38
C GLY B 372 -6.94 4.68 23.48
N THR B 373 -5.93 4.31 24.27
CA THR B 373 -4.67 5.08 24.33
C THR B 373 -3.87 4.95 23.01
N ASP B 374 -4.05 3.81 22.33
CA ASP B 374 -3.39 3.53 21.05
C ASP B 374 -3.86 4.54 20.01
N LEU B 375 -5.18 4.63 19.85
CA LEU B 375 -5.78 5.58 18.90
C LEU B 375 -5.50 7.02 19.32
N MET B 376 -5.53 7.29 20.62
CA MET B 376 -5.14 8.59 21.19
C MET B 376 -3.77 9.05 20.72
N ASN B 377 -2.77 8.22 20.97
CA ASN B 377 -1.38 8.54 20.63
C ASN B 377 -1.20 8.58 19.12
N PHE B 378 -1.84 7.64 18.42
CA PHE B 378 -1.91 7.68 16.97
C PHE B 378 -2.37 9.06 16.48
N LEU B 379 -3.54 9.50 16.96
CA LEU B 379 -4.07 10.83 16.64
C LEU B 379 -3.13 11.96 17.07
N LYS B 380 -2.50 11.84 18.25
CA LYS B 380 -1.52 12.85 18.70
C LYS B 380 -0.41 13.00 17.66
N THR B 381 0.10 11.88 17.17
CA THR B 381 1.14 11.85 16.14
C THR B 381 0.64 12.47 14.85
N VAL B 382 -0.56 12.06 14.42
CA VAL B 382 -1.15 12.57 13.17
C VAL B 382 -1.38 14.08 13.27
N ARG B 383 -1.98 14.52 14.38
CA ARG B 383 -2.19 15.94 14.70
C ARG B 383 -0.90 16.76 14.68
N SER B 384 0.15 16.21 15.29
CA SER B 384 1.43 16.89 15.42
C SER B 384 2.12 17.04 14.07
N THR B 385 2.10 15.97 13.27
CA THR B 385 2.60 15.97 11.89
C THR B 385 1.89 17.01 11.03
N THR B 386 0.55 17.02 11.13
CA THR B 386 -0.31 18.01 10.48
C THR B 386 0.07 19.43 10.92
N GLU B 387 0.12 19.66 12.23
CA GLU B 387 0.51 20.98 12.75
C GLU B 387 1.91 21.38 12.29
N LYS B 388 2.83 20.42 12.28
CA LYS B 388 4.20 20.66 11.77
C LYS B 388 4.23 21.06 10.28
N SER B 389 3.23 20.66 9.49
CA SER B 389 3.18 21.01 8.06
C SER B 389 2.70 22.44 7.74
N LEU B 390 2.49 23.29 8.74
CA LEU B 390 2.14 24.70 8.50
C LEU B 390 3.36 25.50 8.03
N LEU B 391 3.09 26.62 7.35
CA LEU B 391 4.15 27.50 6.81
C LEU B 391 4.35 28.76 7.66
N LYS B 392 3.23 29.31 8.14
CA LYS B 392 3.22 30.38 9.16
C LYS B 392 2.54 29.79 10.40
N GLU B 393 2.95 30.21 11.61
CA GLU B 393 2.33 29.71 12.86
C GLU B 393 0.85 30.09 12.93
N GLY B 394 -0.03 29.08 13.03
CA GLY B 394 -1.48 29.31 13.11
C GLY B 394 -1.94 29.80 14.47
#